data_5NPQ
#
_entry.id   5NPQ
#
_cell.length_a   79.972
_cell.length_b   177.454
_cell.length_c   58.244
_cell.angle_alpha   90.000
_cell.angle_beta   90.000
_cell.angle_gamma   90.000
#
_symmetry.space_group_name_H-M   'P 21 21 2'
#
loop_
_entity.id
_entity.type
_entity.pdbx_description
1 polymer 'Glycylpeptide N-tetradecanoyltransferase 1'
2 non-polymer GLYCEROL
3 non-polymer '~{S}-[2-[3-[[(2~{S})-4-[[[(2~{R},3~{S},4~{R},5~{R})-5-(6-aminopurin-9-yl)-4-oxidanyl-3-phosphonooxy-oxolan-2-yl]methoxy-oxidanyl-phosphoryl]oxy-oxidanyl-phosphoryl]oxy-3,3-dimethyl-2-oxidanyl-butanoyl]amino]propanoylamino]ethyl] 9-(3-but-3-ynyl-1,2-diazirin-3-yl)nonanethioate'
4 non-polymer 'MAGNESIUM ION'
5 water water
#
_entity_poly.entity_id   1
_entity_poly.type   'polypeptide(L)'
_entity_poly.pdbx_seq_one_letter_code
;GPHMEEASKRSYQFWDTQPVPKLGEVVNTHGPVEPDKDNIRQEPYTLPQGFTWDALDLGDRGVLKELYTLLNENYVEDDD
NMFRFDYSPEFLLWALRPPGWLPQWHCGVRVVSSRKLVGFISAIPANIHIYDTEKKMVEINFLCVHKKLRSKRVAPVLIR
EITRRVHLEGIFQAVYTAGVVLPKPVGTCRYWHRSLNPRKLIEVKFSHLSRNMTMQRTMKLYRLPETPKTAGLRPMETKD
IPVVHQLLTRYLKQFHLTPVMSQEEVEHWFYPQENIIDTFVVENANGEVTDFLSFYTLPSTIMNHPTHKSLKAAYSFYNV
HTQTPLLDLMSDALVLAKMKGFDVFNALDLMENKTFLEKLKFGIGDGNLQYYLYNWKCPSMGAEKVGLVLQ
;
_entity_poly.pdbx_strand_id   A,B
#
# COMPACT_ATOMS: atom_id res chain seq x y z
N ARG A 10 -33.53 -21.27 9.18
CA ARG A 10 -32.19 -21.16 8.62
C ARG A 10 -31.25 -20.50 9.64
N SER A 11 -30.23 -21.24 10.06
CA SER A 11 -29.23 -20.72 10.99
C SER A 11 -27.83 -20.99 10.45
N TYR A 12 -26.98 -19.96 10.50
CA TYR A 12 -25.65 -20.03 9.92
C TYR A 12 -24.63 -20.26 11.02
N GLN A 13 -24.12 -21.48 11.11
CA GLN A 13 -23.21 -21.85 12.20
C GLN A 13 -21.97 -20.98 12.21
N PHE A 14 -21.31 -20.82 11.05
CA PHE A 14 -20.09 -20.02 11.02
C PHE A 14 -20.38 -18.53 10.90
N TRP A 15 -21.28 -18.14 10.00
CA TRP A 15 -21.42 -16.73 9.69
C TRP A 15 -22.05 -15.93 10.83
N ASP A 16 -22.80 -16.57 11.73
CA ASP A 16 -23.37 -15.82 12.84
C ASP A 16 -22.32 -15.38 13.86
N THR A 17 -21.13 -15.96 13.80
CA THR A 17 -20.02 -15.58 14.68
C THR A 17 -19.16 -14.47 14.11
N GLN A 18 -19.40 -14.05 12.87
CA GLN A 18 -18.61 -13.12 12.08
C GLN A 18 -19.17 -11.71 12.16
N PRO A 19 -18.33 -10.69 12.02
CA PRO A 19 -18.82 -9.31 12.08
C PRO A 19 -19.53 -8.90 10.80
N VAL A 20 -20.73 -9.45 10.61
CA VAL A 20 -21.62 -9.09 9.50
C VAL A 20 -23.05 -9.01 10.00
N PRO A 21 -23.89 -8.21 9.33
CA PRO A 21 -25.28 -8.07 9.78
C PRO A 21 -26.03 -9.40 9.74
N LYS A 22 -26.99 -9.53 10.63
CA LYS A 22 -27.83 -10.70 10.62
C LYS A 22 -28.80 -10.64 9.44
N LEU A 23 -29.06 -11.79 8.84
CA LEU A 23 -30.06 -11.87 7.78
C LEU A 23 -31.39 -11.35 8.29
N GLY A 24 -31.97 -10.41 7.56
CA GLY A 24 -33.27 -9.91 7.97
C GLY A 24 -33.26 -8.88 9.09
N GLU A 25 -32.11 -8.51 9.64
CA GLU A 25 -32.07 -7.32 10.48
C GLU A 25 -32.07 -6.11 9.56
N VAL A 26 -32.89 -5.13 9.87
CA VAL A 26 -32.93 -3.91 9.06
C VAL A 26 -31.77 -3.03 9.46
N VAL A 27 -31.02 -2.53 8.48
CA VAL A 27 -29.82 -1.75 8.76
C VAL A 27 -30.07 -0.32 8.34
N ASN A 28 -29.95 0.60 9.30
CA ASN A 28 -30.03 2.04 9.08
C ASN A 28 -28.78 2.79 9.46
N THR A 29 -27.72 2.11 9.87
CA THR A 29 -26.50 2.75 10.34
C THR A 29 -25.35 2.48 9.37
N HIS A 30 -24.25 3.22 9.55
CA HIS A 30 -23.09 3.07 8.68
C HIS A 30 -21.84 2.82 9.53
N GLY A 31 -21.02 1.83 9.13
CA GLY A 31 -19.71 1.65 9.73
C GLY A 31 -19.34 0.24 10.10
N PRO A 32 -18.20 0.10 10.79
CA PRO A 32 -17.68 -1.23 11.14
C PRO A 32 -18.45 -1.90 12.26
N VAL A 33 -18.63 -3.21 12.12
CA VAL A 33 -19.19 -4.01 13.22
C VAL A 33 -18.19 -4.13 14.36
N GLU A 34 -16.91 -4.24 14.04
CA GLU A 34 -15.89 -4.33 15.08
C GLU A 34 -14.73 -3.39 14.76
N PRO A 35 -14.08 -2.84 15.78
CA PRO A 35 -12.99 -1.89 15.53
C PRO A 35 -11.74 -2.54 14.97
N ASP A 36 -10.90 -1.71 14.33
CA ASP A 36 -9.57 -2.16 13.92
C ASP A 36 -8.86 -2.76 15.12
N LYS A 37 -8.01 -3.75 14.87
CA LYS A 37 -7.37 -4.49 15.95
C LYS A 37 -5.97 -3.96 16.26
N ASP A 38 -5.69 -3.78 17.55
CA ASP A 38 -4.38 -3.31 18.00
C ASP A 38 -3.37 -4.42 18.13
N ASN A 39 -3.83 -5.67 18.19
CA ASN A 39 -2.99 -6.85 18.21
C ASN A 39 -3.73 -7.97 17.49
N ILE A 40 -3.00 -8.72 16.69
CA ILE A 40 -3.56 -9.76 15.85
C ILE A 40 -2.85 -11.07 16.17
N ARG A 41 -3.60 -12.16 16.15
CA ARG A 41 -3.07 -13.51 16.26
C ARG A 41 -1.87 -13.73 15.34
N GLN A 42 -0.71 -14.03 15.92
CA GLN A 42 0.48 -14.33 15.12
C GLN A 42 0.45 -15.72 14.52
N GLU A 43 -0.22 -16.53 15.05
CA GLU A 43 -0.11 -17.92 14.63
C GLU A 43 -1.21 -18.28 13.63
N PRO A 44 -0.90 -19.04 12.59
CA PRO A 44 -1.95 -19.54 11.71
C PRO A 44 -2.92 -20.44 12.47
N TYR A 45 -4.16 -20.45 12.04
CA TYR A 45 -5.15 -21.31 12.64
C TYR A 45 -4.78 -22.78 12.45
N THR A 46 -5.18 -23.62 13.39
CA THR A 46 -4.79 -25.01 13.36
C THR A 46 -5.56 -25.75 12.29
N LEU A 47 -4.84 -26.59 11.54
CA LEU A 47 -5.42 -27.47 10.53
C LEU A 47 -5.42 -28.90 11.04
N PRO A 48 -6.23 -29.78 10.43
CA PRO A 48 -6.16 -31.19 10.81
C PRO A 48 -4.75 -31.73 10.60
N GLN A 49 -4.46 -32.82 11.29
CA GLN A 49 -3.18 -33.50 11.15
C GLN A 49 -2.90 -33.81 9.69
N GLY A 50 -1.67 -33.53 9.24
CA GLY A 50 -1.25 -33.90 7.90
C GLY A 50 -1.49 -32.87 6.81
N PHE A 51 -2.06 -31.72 7.14
CA PHE A 51 -2.31 -30.62 6.22
C PHE A 51 -1.48 -29.40 6.63
N THR A 52 -1.19 -28.55 5.66
CA THR A 52 -0.37 -27.38 5.95
C THR A 52 -0.91 -26.19 5.16
N TRP A 53 -0.66 -24.99 5.69
CA TRP A 53 -0.90 -23.73 5.00
C TRP A 53 0.19 -23.47 3.97
N ASP A 54 -0.09 -22.55 3.05
CA ASP A 54 0.87 -22.14 2.03
C ASP A 54 0.52 -20.76 1.50
N ALA A 55 1.56 -19.98 1.18
CA ALA A 55 1.41 -18.73 0.44
C ALA A 55 1.89 -18.96 -1.00
N LEU A 56 0.96 -19.23 -1.92
CA LEU A 56 1.34 -19.59 -3.28
C LEU A 56 1.94 -18.40 -4.02
N ASP A 57 3.12 -18.60 -4.58
CA ASP A 57 3.79 -17.59 -5.40
C ASP A 57 3.45 -17.88 -6.85
N LEU A 58 2.46 -17.17 -7.38
CA LEU A 58 1.95 -17.44 -8.73
C LEU A 58 2.94 -17.06 -9.83
N GLY A 59 4.02 -16.33 -9.50
CA GLY A 59 5.07 -16.09 -10.47
C GLY A 59 5.85 -17.34 -10.84
N ASP A 60 5.90 -18.31 -9.94
CA ASP A 60 6.43 -19.63 -10.26
C ASP A 60 5.37 -20.39 -11.06
N ARG A 61 5.72 -20.83 -12.27
CA ARG A 61 4.72 -21.42 -13.16
C ARG A 61 4.25 -22.79 -12.67
N GLY A 62 5.09 -23.52 -11.92
CA GLY A 62 4.64 -24.77 -11.33
C GLY A 62 3.55 -24.56 -10.30
N VAL A 63 3.75 -23.58 -9.42
CA VAL A 63 2.73 -23.20 -8.45
C VAL A 63 1.46 -22.76 -9.16
N LEU A 64 1.59 -21.88 -10.16
CA LEU A 64 0.43 -21.39 -10.89
C LEU A 64 -0.37 -22.55 -11.50
N LYS A 65 0.33 -23.54 -12.07
CA LYS A 65 -0.33 -24.70 -12.66
C LYS A 65 -1.00 -25.58 -11.61
N GLU A 66 -0.48 -25.60 -10.37
CA GLU A 66 -1.18 -26.31 -9.30
C GLU A 66 -2.51 -25.63 -8.97
N LEU A 67 -2.50 -24.30 -8.83
CA LEU A 67 -3.73 -23.53 -8.66
C LEU A 67 -4.69 -23.76 -9.82
N TYR A 68 -4.17 -23.74 -11.04
CA TYR A 68 -5.03 -23.90 -12.21
C TYR A 68 -5.70 -25.26 -12.20
N THR A 69 -4.95 -26.31 -11.86
CA THR A 69 -5.53 -27.66 -11.77
C THR A 69 -6.62 -27.74 -10.71
N LEU A 70 -6.40 -27.15 -9.53
CA LEU A 70 -7.41 -27.18 -8.47
C LEU A 70 -8.68 -26.47 -8.89
N LEU A 71 -8.55 -25.31 -9.53
CA LEU A 71 -9.75 -24.55 -9.84
C LEU A 71 -10.57 -25.24 -10.93
N ASN A 72 -9.94 -25.75 -11.98
CA ASN A 72 -10.74 -26.39 -13.02
C ASN A 72 -11.43 -27.65 -12.54
N GLU A 73 -10.85 -28.35 -11.57
CA GLU A 73 -11.43 -29.60 -11.14
C GLU A 73 -12.33 -29.45 -9.93
N ASN A 74 -12.26 -28.33 -9.20
CA ASN A 74 -13.04 -28.24 -7.98
C ASN A 74 -13.77 -26.90 -7.78
N TYR A 75 -13.74 -25.99 -8.75
CA TYR A 75 -14.41 -24.71 -8.59
C TYR A 75 -15.88 -24.84 -9.03
N VAL A 76 -16.56 -23.70 -9.15
CA VAL A 76 -18.02 -23.62 -9.31
C VAL A 76 -18.67 -24.77 -10.10
N ARG A 84 -18.54 -26.13 -17.30
CA ARG A 84 -17.62 -25.79 -16.23
C ARG A 84 -16.61 -24.73 -16.69
N PHE A 85 -16.34 -23.75 -15.83
CA PHE A 85 -15.44 -22.64 -16.15
C PHE A 85 -14.01 -23.15 -16.34
N ASP A 86 -13.28 -22.52 -17.25
CA ASP A 86 -11.94 -22.96 -17.63
C ASP A 86 -10.96 -21.80 -17.46
N TYR A 87 -10.65 -21.46 -16.21
CA TYR A 87 -9.71 -20.39 -15.92
C TYR A 87 -8.32 -20.74 -16.46
N SER A 88 -7.77 -19.89 -17.34
CA SER A 88 -6.43 -20.09 -17.86
C SER A 88 -5.38 -19.57 -16.89
N PRO A 89 -4.13 -20.00 -17.02
CA PRO A 89 -3.05 -19.41 -16.19
C PRO A 89 -2.90 -17.91 -16.38
N GLU A 90 -2.87 -17.46 -17.64
CA GLU A 90 -2.79 -16.03 -17.94
C GLU A 90 -3.95 -15.27 -17.33
N PHE A 91 -5.15 -15.86 -17.39
CA PHE A 91 -6.30 -15.24 -16.76
C PHE A 91 -6.11 -15.13 -15.25
N LEU A 92 -5.61 -16.21 -14.62
CA LEU A 92 -5.46 -16.16 -13.17
C LEU A 92 -4.47 -15.07 -12.77
N LEU A 93 -3.41 -14.87 -13.56
CA LEU A 93 -2.45 -13.80 -13.27
C LEU A 93 -3.10 -12.43 -13.39
N TRP A 94 -3.99 -12.25 -14.37
CA TRP A 94 -4.71 -10.99 -14.45
C TRP A 94 -5.57 -10.77 -13.22
N ALA A 95 -6.37 -11.78 -12.83
CA ALA A 95 -7.30 -11.61 -11.73
C ALA A 95 -6.62 -11.52 -10.37
N LEU A 96 -5.50 -12.23 -10.19
CA LEU A 96 -4.90 -12.42 -8.87
C LEU A 96 -3.57 -11.68 -8.68
N ARG A 97 -3.05 -10.97 -9.69
CA ARG A 97 -1.87 -10.13 -9.52
C ARG A 97 -2.09 -8.68 -9.97
N PRO A 98 -3.12 -8.00 -9.46
CA PRO A 98 -3.21 -6.56 -9.72
C PRO A 98 -2.26 -5.82 -8.79
N PRO A 99 -2.05 -4.52 -8.99
CA PRO A 99 -1.15 -3.78 -8.11
C PRO A 99 -1.48 -4.00 -6.64
N GLY A 100 -0.43 -4.21 -5.84
CA GLY A 100 -0.57 -4.40 -4.42
C GLY A 100 -0.77 -5.84 -4.00
N TRP A 101 -0.82 -6.80 -4.95
CA TRP A 101 -1.03 -8.19 -4.61
C TRP A 101 0.11 -8.69 -3.74
N LEU A 102 -0.20 -9.67 -2.89
CA LEU A 102 0.77 -10.28 -1.98
C LEU A 102 0.65 -11.79 -2.04
N PRO A 103 1.76 -12.52 -2.03
CA PRO A 103 1.66 -13.99 -2.12
C PRO A 103 0.99 -14.64 -0.91
N GLN A 104 1.16 -14.09 0.30
CA GLN A 104 0.45 -14.66 1.45
C GLN A 104 -1.06 -14.50 1.36
N TRP A 105 -1.56 -13.60 0.50
CA TRP A 105 -2.99 -13.48 0.25
C TRP A 105 -3.47 -14.47 -0.82
N HIS A 106 -2.56 -15.26 -1.37
CA HIS A 106 -2.93 -16.43 -2.18
C HIS A 106 -2.83 -17.65 -1.25
N CYS A 107 -3.87 -17.80 -0.44
CA CYS A 107 -3.83 -18.63 0.75
C CYS A 107 -4.24 -20.05 0.38
N GLY A 108 -3.30 -20.99 0.53
CA GLY A 108 -3.59 -22.37 0.22
C GLY A 108 -3.49 -23.36 1.36
N VAL A 109 -4.17 -24.50 1.21
CA VAL A 109 -4.03 -25.64 2.10
C VAL A 109 -3.48 -26.80 1.28
N ARG A 110 -2.39 -27.40 1.75
CA ARG A 110 -1.78 -28.52 1.07
C ARG A 110 -1.68 -29.73 1.99
N VAL A 111 -1.83 -30.92 1.38
CA VAL A 111 -1.45 -32.16 2.03
C VAL A 111 0.05 -32.13 2.32
N VAL A 112 0.44 -32.48 3.56
CA VAL A 112 1.84 -32.32 3.95
C VAL A 112 2.72 -33.29 3.18
N SER A 113 2.30 -34.53 3.00
CA SER A 113 3.20 -35.54 2.44
C SER A 113 3.45 -35.31 0.95
N SER A 114 2.38 -35.01 0.18
CA SER A 114 2.46 -34.89 -1.28
C SER A 114 2.56 -33.46 -1.78
N ARG A 115 2.42 -32.47 -0.90
CA ARG A 115 2.20 -31.04 -1.23
C ARG A 115 0.98 -30.81 -2.12
N LYS A 116 0.03 -31.76 -2.16
CA LYS A 116 -1.13 -31.61 -3.02
C LYS A 116 -2.01 -30.46 -2.53
N LEU A 117 -2.34 -29.55 -3.45
CA LEU A 117 -3.19 -28.41 -3.12
C LEU A 117 -4.64 -28.84 -3.07
N VAL A 118 -5.32 -28.58 -1.95
CA VAL A 118 -6.68 -29.04 -1.72
C VAL A 118 -7.61 -27.92 -1.27
N GLY A 119 -7.10 -26.73 -1.04
CA GLY A 119 -7.94 -25.63 -0.60
C GLY A 119 -7.34 -24.30 -1.01
N PHE A 120 -8.22 -23.34 -1.29
CA PHE A 120 -7.73 -22.05 -1.72
C PHE A 120 -8.72 -20.94 -1.38
N ILE A 121 -8.17 -19.78 -1.09
CA ILE A 121 -8.90 -18.53 -1.03
C ILE A 121 -7.88 -17.42 -1.33
N SER A 122 -8.36 -16.31 -1.90
CA SER A 122 -7.45 -15.24 -2.29
C SER A 122 -8.04 -13.90 -1.91
N ALA A 123 -7.15 -12.96 -1.60
CA ALA A 123 -7.49 -11.57 -1.38
C ALA A 123 -6.59 -10.71 -2.25
N ILE A 124 -7.18 -9.69 -2.87
CA ILE A 124 -6.45 -8.62 -3.59
C ILE A 124 -6.93 -7.27 -3.05
N PRO A 125 -6.07 -6.27 -2.94
CA PRO A 125 -6.49 -5.00 -2.34
C PRO A 125 -7.29 -4.13 -3.30
N ALA A 126 -8.21 -3.34 -2.73
CA ALA A 126 -8.99 -2.37 -3.49
C ALA A 126 -9.46 -1.25 -2.58
N ASN A 127 -9.42 -0.02 -3.10
CA ASN A 127 -10.09 1.08 -2.43
C ASN A 127 -11.57 1.07 -2.81
N ILE A 128 -12.45 0.97 -1.81
CA ILE A 128 -13.87 0.77 -2.05
C ILE A 128 -14.61 2.00 -1.56
N HIS A 129 -15.48 2.53 -2.40
CA HIS A 129 -16.32 3.67 -2.07
C HIS A 129 -17.71 3.13 -1.77
N ILE A 130 -18.13 3.23 -0.51
CA ILE A 130 -19.45 2.76 -0.10
C ILE A 130 -20.19 3.92 0.53
N TYR A 131 -21.26 4.38 -0.15
CA TYR A 131 -22.05 5.56 0.23
C TYR A 131 -21.06 6.71 0.41
N ASP A 132 -21.05 7.39 1.55
CA ASP A 132 -20.20 8.55 1.77
C ASP A 132 -18.81 8.21 2.29
N THR A 133 -18.47 6.93 2.35
CA THR A 133 -17.20 6.49 2.92
C THR A 133 -16.35 5.81 1.86
N GLU A 134 -15.04 6.07 1.91
CA GLU A 134 -14.08 5.29 1.16
C GLU A 134 -13.13 4.60 2.15
N LYS A 135 -13.00 3.29 2.01
CA LYS A 135 -12.22 2.47 2.92
C LYS A 135 -11.29 1.56 2.10
N LYS A 136 -10.08 1.38 2.61
CA LYS A 136 -9.19 0.36 2.07
C LYS A 136 -9.73 -1.00 2.46
N MET A 137 -9.93 -1.88 1.46
CA MET A 137 -10.49 -3.20 1.67
C MET A 137 -9.70 -4.21 0.84
N VAL A 138 -10.10 -5.48 0.95
CA VAL A 138 -9.66 -6.53 0.04
C VAL A 138 -10.90 -7.10 -0.65
N GLU A 139 -10.69 -7.65 -1.84
CA GLU A 139 -11.70 -8.44 -2.52
C GLU A 139 -11.34 -9.91 -2.40
N ILE A 140 -12.33 -10.74 -2.11
CA ILE A 140 -12.12 -12.16 -1.85
C ILE A 140 -12.72 -12.95 -3.01
N ASN A 141 -11.93 -13.86 -3.56
CA ASN A 141 -12.41 -14.67 -4.66
C ASN A 141 -11.71 -16.01 -4.63
N PHE A 142 -12.25 -16.95 -5.42
CA PHE A 142 -11.65 -18.26 -5.65
C PHE A 142 -11.54 -19.08 -4.35
N LEU A 143 -12.56 -18.99 -3.49
CA LEU A 143 -12.68 -19.90 -2.37
C LEU A 143 -13.00 -21.29 -2.94
N CYS A 144 -12.17 -22.27 -2.60
CA CYS A 144 -12.32 -23.55 -3.25
C CYS A 144 -11.83 -24.64 -2.32
N VAL A 145 -12.67 -25.66 -2.13
CA VAL A 145 -12.34 -26.83 -1.34
C VAL A 145 -12.43 -28.04 -2.26
N HIS A 146 -11.38 -28.86 -2.26
CA HIS A 146 -11.35 -30.10 -3.02
C HIS A 146 -12.63 -30.91 -2.80
N LYS A 147 -13.11 -31.56 -3.86
CA LYS A 147 -14.38 -32.28 -3.80
C LYS A 147 -14.34 -33.38 -2.75
N LYS A 148 -13.21 -34.10 -2.67
CA LYS A 148 -13.01 -35.17 -1.70
C LYS A 148 -12.88 -34.62 -0.28
N LEU A 149 -13.02 -33.31 -0.10
CA LEU A 149 -12.88 -32.67 1.20
C LEU A 149 -14.07 -31.81 1.57
N ARG A 150 -15.13 -31.82 0.77
CA ARG A 150 -16.25 -30.92 1.01
C ARG A 150 -17.01 -31.28 2.28
N SER A 151 -17.76 -30.31 2.78
CA SER A 151 -18.65 -30.50 3.93
C SER A 151 -17.91 -31.01 5.16
N LYS A 152 -16.69 -30.53 5.34
CA LYS A 152 -15.85 -30.88 6.49
C LYS A 152 -15.38 -29.62 7.22
N ARG A 153 -16.11 -28.52 7.05
CA ARG A 153 -15.83 -27.24 7.70
C ARG A 153 -14.45 -26.70 7.33
N VAL A 154 -13.98 -27.00 6.12
CA VAL A 154 -12.71 -26.46 5.68
C VAL A 154 -12.86 -24.99 5.25
N ALA A 155 -13.98 -24.64 4.62
CA ALA A 155 -14.15 -23.26 4.17
C ALA A 155 -14.05 -22.25 5.31
N PRO A 156 -14.66 -22.45 6.49
CA PRO A 156 -14.51 -21.47 7.59
C PRO A 156 -13.06 -21.28 8.06
N VAL A 157 -12.21 -22.29 7.91
CA VAL A 157 -10.82 -22.10 8.31
C VAL A 157 -10.08 -21.26 7.28
N LEU A 158 -10.35 -21.49 5.98
CA LEU A 158 -9.77 -20.64 4.93
C LEU A 158 -10.20 -19.19 5.13
N ILE A 159 -11.48 -18.98 5.43
CA ILE A 159 -11.97 -17.62 5.62
C ILE A 159 -11.30 -16.96 6.83
N ARG A 160 -11.19 -17.70 7.93
CA ARG A 160 -10.57 -17.15 9.14
C ARG A 160 -9.09 -16.83 8.92
N GLU A 161 -8.37 -17.71 8.19
CA GLU A 161 -6.93 -17.53 8.04
C GLU A 161 -6.63 -16.41 7.05
N ILE A 162 -7.39 -16.30 5.95
CA ILE A 162 -7.18 -15.17 5.06
C ILE A 162 -7.53 -13.86 5.77
N THR A 163 -8.57 -13.89 6.62
CA THR A 163 -8.91 -12.72 7.44
C THR A 163 -7.75 -12.31 8.33
N ARG A 164 -7.09 -13.30 8.95
CA ARG A 164 -5.94 -13.05 9.82
C ARG A 164 -4.78 -12.44 9.03
N ARG A 165 -4.48 -13.01 7.87
CA ARG A 165 -3.40 -12.49 7.03
C ARG A 165 -3.71 -11.09 6.49
N VAL A 166 -5.00 -10.80 6.23
CA VAL A 166 -5.36 -9.45 5.81
C VAL A 166 -5.25 -8.47 6.98
N HIS A 167 -5.64 -8.90 8.19
CA HIS A 167 -5.53 -8.07 9.39
C HIS A 167 -4.09 -7.68 9.68
N LEU A 168 -3.16 -8.61 9.46
CA LEU A 168 -1.75 -8.33 9.69
C LEU A 168 -1.29 -7.15 8.88
N GLU A 169 -1.91 -6.93 7.72
CA GLU A 169 -1.58 -5.84 6.82
C GLU A 169 -2.38 -4.58 7.07
N GLY A 170 -3.23 -4.57 8.10
CA GLY A 170 -3.94 -3.37 8.48
C GLY A 170 -5.24 -3.11 7.78
N ILE A 171 -5.87 -4.14 7.22
CA ILE A 171 -7.14 -4.00 6.52
C ILE A 171 -8.20 -4.77 7.30
N PHE A 172 -9.39 -4.16 7.45
CA PHE A 172 -10.40 -4.73 8.33
C PHE A 172 -11.79 -4.81 7.70
N GLN A 173 -11.89 -4.54 6.39
CA GLN A 173 -13.13 -4.66 5.63
C GLN A 173 -12.84 -5.41 4.33
N ALA A 174 -13.85 -6.11 3.83
CA ALA A 174 -13.71 -6.83 2.58
C ALA A 174 -14.99 -6.72 1.78
N VAL A 175 -14.88 -6.95 0.47
CA VAL A 175 -16.03 -7.02 -0.41
C VAL A 175 -15.89 -8.30 -1.23
N TYR A 176 -17.03 -8.95 -1.52
CA TYR A 176 -17.06 -10.20 -2.28
C TYR A 176 -18.46 -10.48 -2.77
N THR A 177 -18.55 -11.44 -3.69
CA THR A 177 -19.82 -11.91 -4.22
C THR A 177 -19.89 -13.42 -4.12
N ALA A 178 -21.12 -13.94 -4.15
CA ALA A 178 -21.37 -15.38 -4.07
C ALA A 178 -22.77 -15.62 -4.61
N GLY A 179 -22.96 -16.82 -5.18
CA GLY A 179 -24.27 -17.23 -5.64
C GLY A 179 -25.21 -17.71 -4.56
N VAL A 180 -24.74 -17.87 -3.33
CA VAL A 180 -25.57 -18.37 -2.25
C VAL A 180 -25.98 -17.21 -1.35
N VAL A 181 -27.09 -17.40 -0.64
CA VAL A 181 -27.54 -16.39 0.31
C VAL A 181 -26.81 -16.61 1.64
N LEU A 182 -26.16 -15.56 2.11
CA LEU A 182 -25.47 -15.52 3.39
C LEU A 182 -25.89 -14.24 4.09
N PRO A 183 -25.67 -14.16 5.41
CA PRO A 183 -25.84 -12.85 6.04
C PRO A 183 -24.68 -11.94 5.66
N LYS A 184 -24.92 -10.77 5.08
CA LYS A 184 -26.19 -10.31 4.57
C LYS A 184 -25.87 -9.49 3.31
N PRO A 185 -26.60 -9.75 2.22
CA PRO A 185 -26.31 -9.03 0.96
C PRO A 185 -26.53 -7.53 1.11
N VAL A 186 -25.56 -6.76 0.63
CA VAL A 186 -25.79 -5.33 0.46
C VAL A 186 -26.53 -5.06 -0.83
N GLY A 187 -26.58 -6.05 -1.74
CA GLY A 187 -27.30 -5.90 -2.99
C GLY A 187 -27.38 -7.24 -3.69
N THR A 188 -28.36 -7.36 -4.58
CA THR A 188 -28.56 -8.58 -5.35
C THR A 188 -28.63 -8.24 -6.83
N CYS A 189 -27.89 -9.01 -7.64
CA CYS A 189 -27.86 -8.85 -9.08
C CYS A 189 -28.31 -10.14 -9.76
N ARG A 190 -28.95 -9.98 -10.91
CA ARG A 190 -29.39 -11.09 -11.74
C ARG A 190 -28.48 -11.19 -12.96
N TYR A 191 -28.19 -12.41 -13.37
CA TYR A 191 -27.38 -12.62 -14.56
C TYR A 191 -28.27 -12.72 -15.79
N TRP A 192 -27.92 -11.98 -16.85
CA TRP A 192 -28.58 -11.97 -18.15
C TRP A 192 -27.59 -12.36 -19.24
N HIS A 193 -28.08 -13.05 -20.27
CA HIS A 193 -27.23 -13.54 -21.33
C HIS A 193 -27.80 -13.14 -22.69
N ARG A 194 -26.90 -12.94 -23.65
CA ARG A 194 -27.27 -12.58 -25.03
C ARG A 194 -26.61 -13.57 -25.97
N SER A 195 -27.44 -14.32 -26.70
CA SER A 195 -26.98 -15.37 -27.59
C SER A 195 -26.29 -14.76 -28.81
N LEU A 196 -25.00 -15.05 -28.97
CA LEU A 196 -24.28 -14.53 -30.13
C LEU A 196 -24.19 -15.56 -31.25
N ASN A 197 -23.84 -16.82 -30.93
CA ASN A 197 -23.74 -17.95 -31.86
C ASN A 197 -24.84 -18.94 -31.47
N PRO A 198 -26.05 -18.80 -32.03
CA PRO A 198 -27.18 -19.66 -31.59
C PRO A 198 -26.97 -21.15 -31.85
N ARG A 199 -26.15 -21.51 -32.85
CA ARG A 199 -25.94 -22.93 -33.17
C ARG A 199 -25.34 -23.68 -32.00
N LYS A 200 -24.25 -23.15 -31.43
CA LYS A 200 -23.60 -23.84 -30.31
C LYS A 200 -24.55 -23.94 -29.12
N LEU A 201 -25.41 -22.93 -28.92
CA LEU A 201 -26.35 -22.97 -27.79
C LEU A 201 -27.33 -24.14 -27.94
N ILE A 202 -27.77 -24.40 -29.18
CA ILE A 202 -28.71 -25.46 -29.46
C ILE A 202 -28.02 -26.82 -29.37
N MET A 215 -36.28 -22.90 -35.61
CA MET A 215 -34.83 -22.90 -35.50
C MET A 215 -34.21 -21.83 -36.39
N GLN A 216 -34.60 -21.84 -37.68
CA GLN A 216 -34.13 -20.80 -38.59
C GLN A 216 -34.71 -19.46 -38.19
N ARG A 217 -35.94 -19.44 -37.64
CA ARG A 217 -36.52 -18.21 -37.12
C ARG A 217 -35.75 -17.71 -35.91
N THR A 218 -35.23 -18.63 -35.08
CA THR A 218 -34.45 -18.21 -33.92
C THR A 218 -33.08 -17.66 -34.32
N MET A 219 -32.43 -18.30 -35.31
CA MET A 219 -31.12 -17.81 -35.75
C MET A 219 -31.21 -16.41 -36.34
N LYS A 220 -32.33 -16.09 -37.01
CA LYS A 220 -32.49 -14.78 -37.65
C LYS A 220 -32.72 -13.67 -36.64
N LEU A 221 -33.44 -13.95 -35.54
CA LEU A 221 -33.74 -12.93 -34.55
C LEU A 221 -32.48 -12.33 -33.94
N TYR A 222 -31.49 -13.17 -33.67
CA TYR A 222 -30.26 -12.78 -32.99
C TYR A 222 -29.16 -12.40 -33.95
N ARG A 223 -29.48 -12.15 -35.22
CA ARG A 223 -28.47 -11.70 -36.15
C ARG A 223 -28.03 -10.30 -35.77
N LEU A 224 -26.73 -10.11 -35.69
CA LEU A 224 -26.22 -8.81 -35.33
C LEU A 224 -25.43 -8.24 -36.50
N PRO A 225 -25.34 -6.92 -36.62
CA PRO A 225 -24.51 -6.34 -37.68
C PRO A 225 -23.09 -6.89 -37.65
N GLU A 226 -22.49 -7.02 -38.83
CA GLU A 226 -21.10 -7.47 -38.92
C GLU A 226 -20.10 -6.38 -38.50
N THR A 227 -20.46 -5.10 -38.54
CA THR A 227 -19.52 -4.03 -38.16
C THR A 227 -20.17 -3.07 -37.18
N PRO A 228 -19.40 -2.52 -36.23
CA PRO A 228 -19.97 -1.65 -35.20
C PRO A 228 -20.50 -0.34 -35.77
N LYS A 229 -21.38 0.28 -35.01
CA LYS A 229 -22.10 1.43 -35.51
C LYS A 229 -21.44 2.73 -35.13
N THR A 230 -20.75 2.76 -33.99
CA THR A 230 -20.25 4.01 -33.41
C THR A 230 -18.97 4.48 -34.10
N ALA A 231 -18.95 5.78 -34.39
CA ALA A 231 -17.85 6.43 -35.08
C ALA A 231 -16.64 6.59 -34.17
N GLY A 232 -15.47 6.22 -34.66
CA GLY A 232 -14.26 6.43 -33.88
C GLY A 232 -13.93 5.32 -32.90
N LEU A 233 -14.61 4.19 -32.99
CA LEU A 233 -14.35 3.05 -32.14
C LEU A 233 -13.06 2.35 -32.55
N ARG A 234 -12.24 1.99 -31.56
CA ARG A 234 -10.94 1.37 -31.81
C ARG A 234 -10.46 0.73 -30.52
N PRO A 235 -9.50 -0.19 -30.59
CA PRO A 235 -8.96 -0.77 -29.36
C PRO A 235 -8.31 0.30 -28.50
N MET A 236 -8.43 0.11 -27.19
CA MET A 236 -7.70 0.93 -26.22
C MET A 236 -6.21 0.74 -26.41
N GLU A 237 -5.47 1.84 -26.27
CA GLU A 237 -4.03 1.88 -26.39
C GLU A 237 -3.43 2.44 -25.12
N THR A 238 -2.09 2.38 -25.05
CA THR A 238 -1.35 2.93 -23.91
C THR A 238 -1.67 4.40 -23.68
N LYS A 239 -1.84 5.15 -24.76
CA LYS A 239 -2.14 6.58 -24.66
C LYS A 239 -3.50 6.85 -24.04
N ASP A 240 -4.39 5.87 -24.00
CA ASP A 240 -5.72 6.11 -23.44
C ASP A 240 -5.83 5.85 -21.94
N ILE A 241 -4.76 5.34 -21.31
CA ILE A 241 -4.84 5.04 -19.87
C ILE A 241 -5.30 6.24 -19.06
N PRO A 242 -4.74 7.45 -19.23
CA PRO A 242 -5.24 8.57 -18.42
C PRO A 242 -6.69 8.92 -18.70
N VAL A 243 -7.09 9.04 -19.97
CA VAL A 243 -8.46 9.46 -20.23
C VAL A 243 -9.45 8.38 -19.82
N VAL A 244 -9.10 7.11 -20.03
CA VAL A 244 -9.97 6.05 -19.54
C VAL A 244 -10.08 6.10 -18.02
N HIS A 245 -8.96 6.35 -17.34
CA HIS A 245 -9.01 6.50 -15.89
C HIS A 245 -9.92 7.65 -15.46
N GLN A 246 -9.85 8.78 -16.17
CA GLN A 246 -10.68 9.92 -15.81
C GLN A 246 -12.15 9.66 -16.13
N LEU A 247 -12.43 9.04 -17.28
CA LEU A 247 -13.80 8.77 -17.64
C LEU A 247 -14.44 7.82 -16.64
N LEU A 248 -13.73 6.77 -16.24
CA LEU A 248 -14.29 5.82 -15.28
C LEU A 248 -14.48 6.46 -13.91
N THR A 249 -13.51 7.26 -13.46
CA THR A 249 -13.61 7.89 -12.14
C THR A 249 -14.80 8.83 -12.06
N ARG A 250 -15.09 9.58 -13.13
CA ARG A 250 -16.24 10.46 -13.03
C ARG A 250 -17.56 9.74 -13.28
N TYR A 251 -17.55 8.69 -14.09
CA TYR A 251 -18.79 7.96 -14.29
C TYR A 251 -19.27 7.24 -13.01
N LEU A 252 -18.35 6.83 -12.13
CA LEU A 252 -18.74 5.91 -11.06
C LEU A 252 -19.36 6.61 -9.85
N LYS A 253 -19.20 7.94 -9.74
CA LYS A 253 -19.70 8.69 -8.59
C LYS A 253 -21.22 8.58 -8.42
N GLN A 254 -21.96 8.28 -9.48
CA GLN A 254 -23.41 8.15 -9.36
C GLN A 254 -23.84 6.85 -8.68
N PHE A 255 -22.93 5.94 -8.40
CA PHE A 255 -23.31 4.72 -7.74
C PHE A 255 -22.88 4.75 -6.27
N HIS A 256 -23.41 3.79 -5.49
CA HIS A 256 -23.20 3.77 -4.05
C HIS A 256 -22.12 2.80 -3.58
N LEU A 257 -21.79 1.78 -4.38
CA LEU A 257 -20.69 0.86 -4.11
C LEU A 257 -19.83 0.77 -5.37
N THR A 258 -18.64 1.37 -5.33
CA THR A 258 -17.75 1.42 -6.48
C THR A 258 -16.30 1.25 -6.04
N PRO A 259 -15.43 0.82 -6.95
CA PRO A 259 -13.99 0.90 -6.68
C PRO A 259 -13.45 2.28 -7.01
N VAL A 260 -12.35 2.63 -6.35
CA VAL A 260 -11.60 3.85 -6.60
C VAL A 260 -10.21 3.41 -7.08
N MET A 261 -10.01 3.44 -8.40
CA MET A 261 -8.78 2.94 -9.01
C MET A 261 -7.73 4.04 -9.22
N SER A 262 -6.48 3.71 -8.91
CA SER A 262 -5.35 4.51 -9.37
C SER A 262 -5.17 4.30 -10.87
N GLN A 263 -4.32 5.14 -11.47
CA GLN A 263 -4.06 5.00 -12.90
C GLN A 263 -3.36 3.69 -13.20
N GLU A 264 -2.51 3.20 -12.27
CA GLU A 264 -1.86 1.90 -12.43
C GLU A 264 -2.89 0.79 -12.46
N GLU A 265 -3.88 0.85 -11.57
CA GLU A 265 -4.94 -0.17 -11.57
C GLU A 265 -5.78 -0.10 -12.84
N VAL A 266 -6.11 1.11 -13.30
CA VAL A 266 -6.85 1.23 -14.55
C VAL A 266 -6.10 0.54 -15.68
N GLU A 267 -4.77 0.75 -15.74
CA GLU A 267 -3.97 0.04 -16.74
C GLU A 267 -4.12 -1.48 -16.61
N HIS A 268 -3.96 -2.02 -15.39
CA HIS A 268 -4.00 -3.47 -15.23
C HIS A 268 -5.35 -4.05 -15.61
N TRP A 269 -6.43 -3.41 -15.20
CA TRP A 269 -7.76 -3.96 -15.36
C TRP A 269 -8.34 -3.76 -16.75
N PHE A 270 -7.82 -2.82 -17.54
CA PHE A 270 -8.45 -2.51 -18.82
C PHE A 270 -7.56 -2.64 -20.03
N TYR A 271 -6.23 -2.61 -19.86
CA TYR A 271 -5.37 -2.71 -21.03
C TYR A 271 -5.58 -4.06 -21.71
N PRO A 272 -5.82 -4.08 -23.00
CA PRO A 272 -6.25 -5.33 -23.64
C PRO A 272 -5.22 -6.45 -23.54
N GLN A 273 -5.71 -7.64 -23.25
CA GLN A 273 -4.93 -8.85 -23.32
C GLN A 273 -5.76 -9.90 -24.04
N GLU A 274 -5.18 -10.51 -25.07
CA GLU A 274 -5.92 -11.43 -25.90
C GLU A 274 -6.51 -12.55 -25.05
N ASN A 275 -7.80 -12.80 -25.23
CA ASN A 275 -8.55 -13.88 -24.56
C ASN A 275 -8.66 -13.67 -23.06
N ILE A 276 -8.40 -12.45 -22.59
CA ILE A 276 -8.52 -12.15 -21.17
C ILE A 276 -9.42 -10.95 -21.01
N ILE A 277 -8.98 -9.80 -21.50
CA ILE A 277 -9.70 -8.55 -21.31
C ILE A 277 -9.64 -7.73 -22.61
N ASP A 278 -10.80 -7.20 -23.04
CA ASP A 278 -10.90 -6.36 -24.23
C ASP A 278 -11.51 -5.01 -23.86
N THR A 279 -10.87 -3.92 -24.31
CA THR A 279 -11.36 -2.56 -24.06
C THR A 279 -11.33 -1.76 -25.37
N PHE A 280 -12.44 -1.11 -25.70
CA PHE A 280 -12.52 -0.30 -26.90
C PHE A 280 -12.90 1.12 -26.51
N VAL A 281 -12.16 2.10 -27.00
CA VAL A 281 -12.49 3.48 -26.70
C VAL A 281 -13.16 4.11 -27.92
N VAL A 282 -13.96 5.13 -27.66
CA VAL A 282 -14.59 5.94 -28.70
C VAL A 282 -13.78 7.23 -28.80
N GLU A 283 -13.06 7.40 -29.91
CA GLU A 283 -12.33 8.64 -30.20
C GLU A 283 -13.05 9.40 -31.32
N ASN A 284 -13.52 10.60 -31.03
CA ASN A 284 -14.43 11.28 -31.92
C ASN A 284 -13.69 12.03 -33.03
N ALA A 285 -14.47 12.76 -33.84
CA ALA A 285 -13.93 13.50 -34.97
C ALA A 285 -12.93 14.56 -34.54
N ASN A 286 -13.02 15.03 -33.30
CA ASN A 286 -12.04 15.97 -32.79
C ASN A 286 -10.82 15.29 -32.19
N GLY A 287 -10.83 13.95 -32.07
CA GLY A 287 -9.80 13.21 -31.37
C GLY A 287 -9.98 13.04 -29.87
N GLU A 288 -11.17 13.33 -29.33
CA GLU A 288 -11.41 13.16 -27.91
C GLU A 288 -11.95 11.76 -27.65
N VAL A 289 -11.39 11.08 -26.66
CA VAL A 289 -11.95 9.83 -26.18
C VAL A 289 -13.08 10.18 -25.21
N THR A 290 -14.31 9.82 -25.58
CA THR A 290 -15.51 10.18 -24.86
C THR A 290 -16.26 9.01 -24.27
N ASP A 291 -15.98 7.78 -24.70
CA ASP A 291 -16.69 6.60 -24.25
C ASP A 291 -15.73 5.42 -24.32
N PHE A 292 -16.04 4.38 -23.55
CA PHE A 292 -15.36 3.10 -23.76
C PHE A 292 -16.25 1.97 -23.26
N LEU A 293 -15.99 0.79 -23.81
CA LEU A 293 -16.67 -0.44 -23.42
C LEU A 293 -15.61 -1.50 -23.13
N SER A 294 -15.96 -2.45 -22.25
CA SER A 294 -14.98 -3.45 -21.86
C SER A 294 -15.66 -4.75 -21.50
N PHE A 295 -15.03 -5.87 -21.87
CA PHE A 295 -15.51 -7.18 -21.47
C PHE A 295 -14.35 -8.17 -21.31
N TYR A 296 -14.47 -9.07 -20.32
CA TYR A 296 -13.42 -10.07 -20.12
C TYR A 296 -13.89 -11.43 -20.62
N THR A 297 -12.92 -12.31 -20.81
CA THR A 297 -13.11 -13.60 -21.46
C THR A 297 -13.06 -14.73 -20.44
N LEU A 298 -14.13 -15.52 -20.37
CA LEU A 298 -14.14 -16.72 -19.52
C LEU A 298 -14.84 -17.84 -20.27
N PRO A 299 -14.08 -18.75 -20.86
CA PRO A 299 -14.69 -19.90 -21.54
C PRO A 299 -15.21 -20.93 -20.54
N SER A 300 -16.14 -21.74 -21.02
CA SER A 300 -16.69 -22.86 -20.27
C SER A 300 -16.40 -24.16 -21.01
N THR A 301 -16.18 -25.23 -20.24
CA THR A 301 -15.99 -26.57 -20.82
C THR A 301 -17.33 -27.29 -21.01
N SER A 310 -15.15 -25.83 -27.21
CA SER A 310 -15.59 -25.36 -25.89
C SER A 310 -16.49 -24.11 -26.06
N LEU A 311 -17.08 -23.65 -24.94
CA LEU A 311 -18.00 -22.51 -24.93
C LEU A 311 -17.28 -21.23 -24.52
N LYS A 312 -17.12 -20.29 -25.46
CA LYS A 312 -16.40 -19.04 -25.22
C LYS A 312 -17.38 -17.94 -24.85
N ALA A 313 -17.27 -17.41 -23.63
CA ALA A 313 -18.19 -16.42 -23.10
C ALA A 313 -17.48 -15.09 -22.86
N ALA A 314 -18.18 -14.00 -23.16
CA ALA A 314 -17.72 -12.67 -22.84
C ALA A 314 -18.58 -12.11 -21.71
N TYR A 315 -17.94 -11.39 -20.80
CA TYR A 315 -18.59 -10.84 -19.62
C TYR A 315 -18.43 -9.33 -19.62
N SER A 316 -19.55 -8.63 -19.59
CA SER A 316 -19.52 -7.18 -19.47
C SER A 316 -18.75 -6.76 -18.22
N PHE A 317 -17.79 -5.86 -18.42
CA PHE A 317 -16.94 -5.34 -17.35
C PHE A 317 -17.44 -3.95 -16.95
N TYR A 318 -16.73 -2.90 -17.34
CA TYR A 318 -17.17 -1.52 -17.13
C TYR A 318 -17.44 -0.86 -18.49
N ASN A 319 -18.56 -0.14 -18.60
CA ASN A 319 -18.93 0.56 -19.82
C ASN A 319 -19.33 2.00 -19.49
N VAL A 320 -18.57 2.96 -20.03
CA VAL A 320 -18.66 4.35 -19.64
C VAL A 320 -19.06 5.15 -20.86
N HIS A 321 -20.11 5.97 -20.72
CA HIS A 321 -20.63 6.79 -21.81
C HIS A 321 -20.71 8.24 -21.34
N THR A 322 -20.25 9.15 -22.20
CA THR A 322 -20.56 10.57 -22.04
C THR A 322 -21.09 11.22 -23.31
N GLN A 323 -20.85 10.67 -24.51
CA GLN A 323 -21.42 11.19 -25.76
C GLN A 323 -22.11 10.12 -26.60
N THR A 324 -21.53 8.94 -26.73
CA THR A 324 -22.25 7.85 -27.38
C THR A 324 -23.36 7.34 -26.45
N PRO A 325 -24.58 7.16 -26.96
CA PRO A 325 -25.64 6.56 -26.14
C PRO A 325 -25.28 5.15 -25.69
N LEU A 326 -25.65 4.83 -24.43
CA LEU A 326 -25.29 3.54 -23.84
C LEU A 326 -25.80 2.38 -24.69
N LEU A 327 -26.98 2.54 -25.32
CA LEU A 327 -27.54 1.48 -26.16
C LEU A 327 -26.72 1.26 -27.42
N ASP A 328 -26.11 2.32 -27.94
CA ASP A 328 -25.20 2.14 -29.06
C ASP A 328 -23.90 1.48 -28.61
N LEU A 329 -23.36 1.92 -27.47
CA LEU A 329 -22.14 1.33 -26.95
C LEU A 329 -22.29 -0.17 -26.78
N MET A 330 -23.37 -0.60 -26.12
CA MET A 330 -23.53 -2.02 -25.86
C MET A 330 -23.84 -2.78 -27.13
N SER A 331 -24.61 -2.17 -28.04
CA SER A 331 -24.86 -2.81 -29.32
C SER A 331 -23.55 -3.11 -30.04
N ASP A 332 -22.63 -2.13 -30.03
CA ASP A 332 -21.31 -2.36 -30.61
C ASP A 332 -20.52 -3.41 -29.84
N ALA A 333 -20.69 -3.47 -28.51
CA ALA A 333 -20.02 -4.51 -27.73
C ALA A 333 -20.46 -5.91 -28.15
N LEU A 334 -21.77 -6.09 -28.38
CA LEU A 334 -22.24 -7.38 -28.88
C LEU A 334 -21.61 -7.72 -30.23
N VAL A 335 -21.61 -6.75 -31.15
CA VAL A 335 -21.00 -6.94 -32.46
C VAL A 335 -19.52 -7.30 -32.32
N LEU A 336 -18.79 -6.58 -31.46
CA LEU A 336 -17.37 -6.86 -31.32
C LEU A 336 -17.13 -8.25 -30.73
N ALA A 337 -18.00 -8.71 -29.82
CA ALA A 337 -17.85 -10.04 -29.29
C ALA A 337 -18.10 -11.10 -30.35
N LYS A 338 -19.14 -10.92 -31.17
CA LYS A 338 -19.40 -11.89 -32.23
C LYS A 338 -18.22 -11.96 -33.21
N MET A 339 -17.73 -10.80 -33.66
CA MET A 339 -16.59 -10.77 -34.59
C MET A 339 -15.41 -11.57 -34.04
N LYS A 340 -15.15 -11.44 -32.75
CA LYS A 340 -14.03 -12.11 -32.11
C LYS A 340 -14.35 -13.56 -31.73
N GLY A 341 -15.54 -14.05 -32.06
CA GLY A 341 -15.83 -15.46 -31.93
C GLY A 341 -16.47 -15.89 -30.65
N PHE A 342 -17.06 -14.97 -29.89
CA PHE A 342 -17.73 -15.36 -28.66
C PHE A 342 -19.12 -15.90 -28.99
N ASP A 343 -19.49 -16.96 -28.26
CA ASP A 343 -20.78 -17.59 -28.46
C ASP A 343 -21.88 -16.91 -27.65
N VAL A 344 -21.53 -16.22 -26.58
CA VAL A 344 -22.52 -15.68 -25.67
C VAL A 344 -21.92 -14.45 -24.98
N PHE A 345 -22.74 -13.43 -24.75
CA PHE A 345 -22.33 -12.21 -24.07
C PHE A 345 -23.16 -12.04 -22.80
N ASN A 346 -22.49 -12.08 -21.64
CA ASN A 346 -23.17 -12.01 -20.33
C ASN A 346 -23.02 -10.64 -19.70
N ALA A 347 -24.09 -10.18 -19.04
CA ALA A 347 -24.06 -8.92 -18.31
C ALA A 347 -24.96 -9.03 -17.09
N LEU A 348 -24.56 -8.33 -16.03
CA LEU A 348 -25.41 -8.23 -14.85
C LEU A 348 -26.43 -7.12 -15.05
N ASP A 349 -27.38 -7.02 -14.14
CA ASP A 349 -28.35 -5.93 -14.22
C ASP A 349 -27.95 -4.73 -13.37
N LEU A 350 -26.69 -4.62 -12.98
CA LEU A 350 -26.24 -3.52 -12.15
C LEU A 350 -25.95 -2.27 -13.00
N MET A 351 -25.53 -1.20 -12.32
CA MET A 351 -25.24 0.09 -12.93
C MET A 351 -26.47 0.50 -13.74
N GLU A 352 -26.31 0.97 -14.97
CA GLU A 352 -27.43 1.41 -15.78
C GLU A 352 -27.90 0.31 -16.72
N ASN A 353 -27.50 -0.94 -16.46
CA ASN A 353 -27.63 -1.98 -17.47
C ASN A 353 -29.10 -2.31 -17.79
N LYS A 354 -30.01 -2.06 -16.85
CA LYS A 354 -31.42 -2.35 -17.11
C LYS A 354 -31.95 -1.52 -18.28
N THR A 355 -31.37 -0.33 -18.54
CA THR A 355 -31.87 0.48 -19.64
C THR A 355 -31.67 -0.14 -21.01
N PHE A 356 -30.84 -1.18 -21.15
CA PHE A 356 -30.60 -1.77 -22.46
C PHE A 356 -30.73 -3.29 -22.57
N LEU A 357 -30.89 -4.02 -21.47
CA LEU A 357 -30.81 -5.48 -21.56
C LEU A 357 -31.92 -6.04 -22.44
N GLU A 358 -33.16 -5.66 -22.13
CA GLU A 358 -34.30 -6.17 -22.89
C GLU A 358 -34.27 -5.63 -24.31
N LYS A 359 -33.96 -4.34 -24.51
CA LYS A 359 -33.94 -3.75 -25.85
C LYS A 359 -32.98 -4.46 -26.79
N LEU A 360 -31.88 -5.00 -26.27
CA LEU A 360 -30.89 -5.72 -27.05
C LEU A 360 -31.12 -7.22 -26.99
N LYS A 361 -32.30 -7.65 -26.54
CA LYS A 361 -32.71 -9.05 -26.59
C LYS A 361 -31.83 -9.94 -25.71
N PHE A 362 -31.42 -9.41 -24.56
CA PHE A 362 -30.86 -10.27 -23.52
C PHE A 362 -31.96 -11.12 -22.91
N GLY A 363 -31.61 -12.32 -22.49
CA GLY A 363 -32.51 -13.19 -21.76
C GLY A 363 -32.02 -13.38 -20.33
N ILE A 364 -32.96 -13.29 -19.38
CA ILE A 364 -32.61 -13.45 -17.97
C ILE A 364 -32.19 -14.90 -17.72
N GLY A 365 -31.19 -15.07 -16.85
CA GLY A 365 -30.68 -16.39 -16.54
C GLY A 365 -31.18 -16.87 -15.18
N ASP A 366 -30.72 -18.04 -14.80
CA ASP A 366 -31.09 -18.64 -13.53
C ASP A 366 -30.07 -18.34 -12.46
N GLY A 367 -30.56 -18.08 -11.25
CA GLY A 367 -29.71 -17.75 -10.12
C GLY A 367 -29.49 -16.27 -9.94
N ASN A 368 -28.79 -15.95 -8.87
CA ASN A 368 -28.51 -14.56 -8.50
C ASN A 368 -27.06 -14.43 -8.07
N LEU A 369 -26.53 -13.21 -8.23
CA LEU A 369 -25.21 -12.86 -7.73
C LEU A 369 -25.36 -11.86 -6.59
N GLN A 370 -24.99 -12.28 -5.38
CA GLN A 370 -25.11 -11.48 -4.15
C GLN A 370 -23.83 -10.71 -3.86
N TYR A 371 -23.97 -9.45 -3.45
CA TYR A 371 -22.85 -8.62 -3.03
C TYR A 371 -22.83 -8.52 -1.51
N TYR A 372 -21.63 -8.66 -0.92
CA TYR A 372 -21.44 -8.67 0.53
C TYR A 372 -20.29 -7.75 0.92
N LEU A 373 -20.46 -7.07 2.06
CA LEU A 373 -19.34 -6.44 2.76
C LEU A 373 -19.12 -7.17 4.08
N TYR A 374 -17.85 -7.24 4.47
CA TYR A 374 -17.41 -7.88 5.70
C TYR A 374 -16.96 -6.78 6.65
N ASN A 375 -17.45 -6.83 7.89
CA ASN A 375 -17.19 -5.83 8.92
C ASN A 375 -17.56 -4.43 8.43
N TRP A 376 -18.67 -4.33 7.71
CA TRP A 376 -19.21 -3.01 7.40
C TRP A 376 -20.73 -3.09 7.31
N LYS A 377 -21.41 -2.36 8.20
CA LYS A 377 -22.86 -2.25 8.21
C LYS A 377 -23.26 -1.02 7.41
N CYS A 378 -24.27 -1.17 6.57
CA CYS A 378 -24.79 -0.05 5.79
C CYS A 378 -26.16 -0.44 5.25
N PRO A 379 -26.98 0.52 4.84
CA PRO A 379 -28.24 0.18 4.17
C PRO A 379 -27.97 -0.53 2.85
N SER A 380 -28.82 -1.50 2.53
CA SER A 380 -28.74 -2.23 1.28
C SER A 380 -29.22 -1.34 0.13
N MET A 381 -29.05 -1.85 -1.10
CA MET A 381 -29.25 -1.01 -2.29
C MET A 381 -29.74 -1.86 -3.45
N GLY A 382 -30.41 -1.20 -4.39
CA GLY A 382 -30.86 -1.88 -5.60
C GLY A 382 -29.72 -2.11 -6.57
N ALA A 383 -29.88 -3.15 -7.40
CA ALA A 383 -28.84 -3.53 -8.35
C ALA A 383 -28.28 -2.33 -9.10
N GLU A 384 -29.16 -1.39 -9.48
CA GLU A 384 -28.77 -0.26 -10.30
C GLU A 384 -27.92 0.76 -9.54
N LYS A 385 -27.74 0.61 -8.22
CA LYS A 385 -26.80 1.44 -7.48
C LYS A 385 -25.45 0.76 -7.20
N VAL A 386 -25.34 -0.53 -7.53
CA VAL A 386 -24.06 -1.26 -7.47
C VAL A 386 -23.23 -0.91 -8.71
N GLY A 387 -22.01 -0.43 -8.49
CA GLY A 387 -21.10 -0.11 -9.58
C GLY A 387 -19.76 -0.81 -9.44
N LEU A 388 -19.79 -2.10 -9.10
CA LEU A 388 -18.58 -2.86 -8.81
C LEU A 388 -18.74 -4.21 -9.50
N VAL A 389 -17.85 -4.53 -10.44
CA VAL A 389 -17.93 -5.79 -11.17
C VAL A 389 -16.75 -6.64 -10.73
N LEU A 390 -17.06 -7.78 -10.09
CA LEU A 390 -16.08 -8.74 -9.61
C LEU A 390 -16.26 -10.05 -10.35
N GLN A 391 -15.16 -10.57 -10.87
CA GLN A 391 -15.15 -11.81 -11.66
C GLN A 391 -15.37 -13.06 -10.80
N ARG B 10 12.71 36.78 0.69
CA ARG B 10 12.85 35.36 0.38
C ARG B 10 11.65 34.83 -0.41
N SER B 11 11.92 34.34 -1.63
CA SER B 11 10.92 33.74 -2.50
C SER B 11 11.46 32.41 -3.04
N TYR B 12 10.58 31.40 -3.10
CA TYR B 12 10.97 30.04 -3.47
C TYR B 12 10.55 29.75 -4.91
N GLN B 13 11.54 29.72 -5.81
CA GLN B 13 11.28 29.57 -7.23
C GLN B 13 10.54 28.29 -7.52
N PHE B 14 11.04 27.16 -7.01
CA PHE B 14 10.37 25.89 -7.26
C PHE B 14 9.20 25.69 -6.32
N TRP B 15 9.40 25.96 -5.03
CA TRP B 15 8.40 25.59 -4.04
C TRP B 15 7.13 26.45 -4.12
N ASP B 16 7.21 27.65 -4.70
CA ASP B 16 6.00 28.47 -4.83
C ASP B 16 5.03 27.90 -5.85
N THR B 17 5.47 26.97 -6.70
CA THR B 17 4.57 26.29 -7.64
C THR B 17 3.95 25.03 -7.04
N GLN B 18 4.34 24.62 -5.87
CA GLN B 18 3.91 23.35 -5.31
C GLN B 18 2.73 23.54 -4.37
N PRO B 19 1.82 22.45 -4.19
CA PRO B 19 0.65 22.57 -3.28
C PRO B 19 1.05 22.48 -1.81
N VAL B 20 1.68 23.55 -1.32
CA VAL B 20 1.99 23.66 0.12
C VAL B 20 1.70 25.07 0.58
N PRO B 21 1.39 25.24 1.86
CA PRO B 21 1.14 26.60 2.37
C PRO B 21 2.36 27.47 2.17
N LYS B 22 2.12 28.76 1.95
CA LYS B 22 3.24 29.69 1.82
C LYS B 22 3.82 30.01 3.20
N LEU B 23 5.14 30.17 3.22
CA LEU B 23 5.82 30.51 4.47
C LEU B 23 5.20 31.75 5.10
N GLY B 24 4.83 31.65 6.36
CA GLY B 24 4.28 32.80 7.06
C GLY B 24 2.82 33.10 6.80
N GLU B 25 2.15 32.30 5.97
CA GLU B 25 0.70 32.34 5.86
C GLU B 25 0.12 31.60 7.05
N VAL B 26 -0.88 32.20 7.70
CA VAL B 26 -1.51 31.53 8.82
C VAL B 26 -2.53 30.51 8.31
N VAL B 27 -2.43 29.27 8.80
CA VAL B 27 -3.31 28.20 8.38
C VAL B 27 -4.19 27.84 9.57
N ASN B 28 -5.50 28.01 9.40
CA ASN B 28 -6.47 27.62 10.41
C ASN B 28 -7.43 26.56 9.90
N THR B 29 -7.22 26.05 8.69
CA THR B 29 -8.08 25.06 8.04
C THR B 29 -7.34 23.74 7.93
N HIS B 30 -8.09 22.67 7.63
CA HIS B 30 -7.56 21.32 7.51
C HIS B 30 -7.95 20.75 6.17
N GLY B 31 -7.01 20.08 5.49
CA GLY B 31 -7.34 19.36 4.29
C GLY B 31 -6.35 19.56 3.15
N PRO B 32 -6.70 19.03 1.97
CA PRO B 32 -5.79 19.05 0.83
C PRO B 32 -5.66 20.43 0.23
N VAL B 33 -4.43 20.77 -0.21
CA VAL B 33 -4.21 22.05 -0.89
C VAL B 33 -4.86 22.04 -2.27
N GLU B 34 -4.85 20.90 -2.95
CA GLU B 34 -5.41 20.70 -4.28
C GLU B 34 -6.16 19.38 -4.32
N PRO B 35 -7.16 19.25 -5.18
CA PRO B 35 -7.89 17.98 -5.25
C PRO B 35 -7.03 16.89 -5.90
N ASP B 36 -7.34 15.63 -5.58
CA ASP B 36 -6.70 14.50 -6.24
C ASP B 36 -6.85 14.63 -7.75
N LYS B 37 -5.87 14.13 -8.51
CA LYS B 37 -5.89 14.24 -9.97
C LYS B 37 -6.40 12.93 -10.58
N ASP B 38 -7.37 13.04 -11.50
CA ASP B 38 -7.94 11.87 -12.16
C ASP B 38 -7.24 11.48 -13.45
N ASN B 39 -6.25 12.26 -13.92
CA ASN B 39 -5.42 11.88 -15.07
C ASN B 39 -3.99 12.33 -14.79
N ILE B 40 -3.03 11.44 -15.04
CA ILE B 40 -1.66 11.64 -14.60
C ILE B 40 -0.74 11.59 -15.81
N ARG B 41 0.25 12.47 -15.82
CA ARG B 41 1.33 12.42 -16.82
C ARG B 41 1.95 11.02 -16.90
N GLN B 42 1.83 10.38 -18.09
CA GLN B 42 2.41 9.05 -18.32
C GLN B 42 3.91 9.08 -18.58
N GLU B 43 4.44 10.15 -19.04
CA GLU B 43 5.82 10.17 -19.47
C GLU B 43 6.70 10.77 -18.39
N PRO B 44 7.86 10.18 -18.10
CA PRO B 44 8.79 10.80 -17.14
C PRO B 44 9.20 12.19 -17.56
N TYR B 45 9.46 13.04 -16.57
CA TYR B 45 9.94 14.38 -16.87
C TYR B 45 11.28 14.28 -17.58
N THR B 46 11.54 15.26 -18.44
CA THR B 46 12.71 15.23 -19.28
C THR B 46 13.93 15.59 -18.46
N LEU B 47 15.03 14.85 -18.68
CA LEU B 47 16.31 15.08 -18.07
C LEU B 47 17.26 15.75 -19.04
N PRO B 48 18.31 16.42 -18.55
CA PRO B 48 19.31 17.01 -19.45
C PRO B 48 19.98 15.95 -20.32
N GLN B 49 20.57 16.43 -21.42
CA GLN B 49 21.31 15.56 -22.33
C GLN B 49 22.26 14.66 -21.56
N GLY B 50 22.25 13.37 -21.91
CA GLY B 50 23.21 12.45 -21.37
C GLY B 50 22.81 11.78 -20.06
N PHE B 51 21.63 12.10 -19.52
CA PHE B 51 21.14 11.47 -18.31
C PHE B 51 19.84 10.71 -18.61
N THR B 52 19.61 9.66 -17.83
CA THR B 52 18.41 8.85 -18.01
C THR B 52 17.89 8.47 -16.63
N TRP B 53 16.59 8.20 -16.57
CA TRP B 53 16.04 7.68 -15.33
C TRP B 53 16.41 6.21 -15.20
N ASP B 54 16.41 5.73 -13.96
CA ASP B 54 16.63 4.32 -13.67
C ASP B 54 15.96 3.99 -12.35
N ALA B 55 15.23 2.89 -12.32
CA ALA B 55 14.58 2.41 -11.11
C ALA B 55 15.50 1.34 -10.52
N LEU B 56 16.19 1.70 -9.45
CA LEU B 56 17.25 0.87 -8.92
C LEU B 56 16.65 -0.39 -8.34
N ASP B 57 17.18 -1.55 -8.73
CA ASP B 57 16.77 -2.82 -8.12
C ASP B 57 17.76 -3.12 -7.01
N LEU B 58 17.39 -2.73 -5.78
CA LEU B 58 18.25 -2.89 -4.61
C LEU B 58 18.44 -4.35 -4.22
N GLY B 59 17.66 -5.27 -4.78
CA GLY B 59 17.92 -6.68 -4.59
C GLY B 59 19.19 -7.15 -5.28
N ASP B 60 19.59 -6.46 -6.34
CA ASP B 60 20.90 -6.62 -6.97
C ASP B 60 21.95 -5.92 -6.10
N ARG B 61 22.95 -6.69 -5.61
CA ARG B 61 23.91 -6.11 -4.67
C ARG B 61 24.85 -5.12 -5.34
N GLY B 62 25.12 -5.26 -6.63
CA GLY B 62 25.91 -4.24 -7.30
C GLY B 62 25.20 -2.91 -7.32
N VAL B 63 23.91 -2.92 -7.67
CA VAL B 63 23.11 -1.70 -7.67
C VAL B 63 23.02 -1.12 -6.25
N LEU B 64 22.75 -1.99 -5.25
CA LEU B 64 22.68 -1.50 -3.87
C LEU B 64 23.99 -0.84 -3.46
N LYS B 65 25.13 -1.37 -3.93
CA LYS B 65 26.41 -0.77 -3.57
C LYS B 65 26.64 0.56 -4.31
N GLU B 66 26.16 0.67 -5.56
CA GLU B 66 26.16 1.97 -6.23
C GLU B 66 25.33 2.99 -5.46
N LEU B 67 24.13 2.59 -5.02
CA LEU B 67 23.37 3.47 -4.14
C LEU B 67 24.16 3.80 -2.88
N TYR B 68 24.84 2.79 -2.30
CA TYR B 68 25.57 3.05 -1.06
C TYR B 68 26.70 4.05 -1.29
N THR B 69 27.45 3.88 -2.38
CA THR B 69 28.55 4.80 -2.69
C THR B 69 28.02 6.21 -2.94
N LEU B 70 26.90 6.35 -3.66
CA LEU B 70 26.39 7.69 -3.93
C LEU B 70 26.01 8.40 -2.64
N LEU B 71 25.36 7.70 -1.72
CA LEU B 71 24.95 8.34 -0.48
C LEU B 71 26.15 8.61 0.41
N ASN B 72 27.07 7.65 0.48
CA ASN B 72 28.23 7.82 1.32
C ASN B 72 29.08 9.00 0.86
N GLU B 73 29.07 9.29 -0.44
CA GLU B 73 29.92 10.34 -0.98
C GLU B 73 29.21 11.66 -1.22
N ASN B 74 27.88 11.69 -1.32
CA ASN B 74 27.22 12.94 -1.69
C ASN B 74 26.00 13.30 -0.84
N TYR B 75 25.70 12.57 0.23
CA TYR B 75 24.52 12.84 1.03
C TYR B 75 24.79 13.85 2.15
N VAL B 76 23.76 14.09 2.98
CA VAL B 76 23.72 15.14 4.00
C VAL B 76 25.03 15.28 4.76
N GLU B 77 25.54 16.50 4.83
CA GLU B 77 26.67 16.83 5.66
C GLU B 77 26.22 17.85 6.69
N ASP B 78 27.05 18.05 7.71
CA ASP B 78 26.82 19.12 8.67
C ASP B 78 27.24 20.46 8.06
N ASP B 79 27.02 21.53 8.82
CA ASP B 79 27.21 22.86 8.26
C ASP B 79 28.68 23.21 8.07
N ASP B 80 29.58 22.62 8.88
CA ASP B 80 31.02 22.81 8.77
C ASP B 80 31.70 21.74 7.93
N ASN B 81 30.94 20.78 7.41
CA ASN B 81 31.44 19.77 6.49
C ASN B 81 32.53 18.93 7.13
N MET B 82 32.26 18.48 8.35
CA MET B 82 33.13 17.56 9.07
C MET B 82 32.63 16.13 9.02
N PHE B 83 31.31 15.93 8.89
CA PHE B 83 30.68 14.61 8.95
C PHE B 83 29.69 14.44 7.81
N ARG B 84 29.54 13.20 7.36
CA ARG B 84 28.56 12.82 6.35
C ARG B 84 27.95 11.47 6.70
N PHE B 85 26.65 11.33 6.50
CA PHE B 85 25.98 10.09 6.86
C PHE B 85 26.56 8.93 6.06
N ASP B 86 26.67 7.76 6.72
CA ASP B 86 27.25 6.57 6.11
C ASP B 86 26.26 5.41 6.25
N TYR B 87 25.11 5.55 5.59
CA TYR B 87 24.10 4.51 5.62
C TYR B 87 24.67 3.24 5.04
N SER B 88 24.56 2.15 5.79
CA SER B 88 25.05 0.90 5.28
C SER B 88 24.10 0.34 4.22
N PRO B 89 24.56 -0.59 3.38
CA PRO B 89 23.62 -1.26 2.46
C PRO B 89 22.48 -1.94 3.17
N GLU B 90 22.80 -2.69 4.21
CA GLU B 90 21.77 -3.34 5.02
C GLU B 90 20.78 -2.33 5.59
N PHE B 91 21.27 -1.17 6.04
CA PHE B 91 20.34 -0.16 6.53
C PHE B 91 19.44 0.35 5.41
N LEU B 92 20.01 0.62 4.23
CA LEU B 92 19.21 1.15 3.13
C LEU B 92 18.11 0.16 2.72
N LEU B 93 18.42 -1.13 2.75
CA LEU B 93 17.43 -2.16 2.43
C LEU B 93 16.28 -2.15 3.44
N TRP B 94 16.62 -1.98 4.71
CA TRP B 94 15.61 -1.84 5.77
C TRP B 94 14.75 -0.61 5.54
N ALA B 95 15.38 0.53 5.27
CA ALA B 95 14.64 1.79 5.15
C ALA B 95 13.81 1.86 3.87
N LEU B 96 14.25 1.20 2.79
CA LEU B 96 13.63 1.40 1.48
C LEU B 96 12.78 0.22 1.04
N ARG B 97 12.76 -0.88 1.81
CA ARG B 97 11.87 -2.01 1.50
C ARG B 97 10.98 -2.39 2.69
N PRO B 98 10.26 -1.44 3.29
CA PRO B 98 9.26 -1.83 4.26
C PRO B 98 8.05 -2.39 3.53
N PRO B 99 7.08 -2.97 4.23
CA PRO B 99 5.90 -3.51 3.53
C PRO B 99 5.30 -2.48 2.58
N GLY B 100 4.94 -2.94 1.38
CA GLY B 100 4.30 -2.09 0.39
C GLY B 100 5.25 -1.35 -0.53
N TRP B 101 6.56 -1.54 -0.37
CA TRP B 101 7.54 -0.82 -1.17
C TRP B 101 7.36 -1.10 -2.66
N LEU B 102 7.78 -0.15 -3.49
CA LEU B 102 7.67 -0.32 -4.93
C LEU B 102 9.01 -0.05 -5.58
N PRO B 103 9.43 -0.88 -6.55
CA PRO B 103 10.74 -0.64 -7.17
C PRO B 103 10.79 0.67 -7.92
N GLN B 104 9.67 1.06 -8.59
CA GLN B 104 9.61 2.33 -9.31
C GLN B 104 9.71 3.52 -8.38
N TRP B 105 9.48 3.33 -7.07
CA TRP B 105 9.68 4.38 -6.08
C TRP B 105 11.14 4.47 -5.60
N HIS B 106 12.03 3.60 -6.07
CA HIS B 106 13.48 3.76 -5.88
C HIS B 106 14.04 4.41 -7.16
N CYS B 107 13.92 5.74 -7.21
CA CYS B 107 14.10 6.52 -8.44
C CYS B 107 15.50 7.10 -8.50
N GLY B 108 16.31 6.59 -9.44
CA GLY B 108 17.68 7.03 -9.64
C GLY B 108 17.92 7.72 -10.97
N VAL B 109 19.00 8.48 -11.04
CA VAL B 109 19.44 9.11 -12.28
C VAL B 109 20.84 8.62 -12.64
N ARG B 110 21.02 8.17 -13.88
CA ARG B 110 22.32 7.70 -14.38
C ARG B 110 22.77 8.52 -15.58
N VAL B 111 24.08 8.73 -15.67
CA VAL B 111 24.70 9.24 -16.88
C VAL B 111 24.54 8.20 -17.99
N VAL B 112 24.11 8.65 -19.18
CA VAL B 112 23.81 7.70 -20.25
C VAL B 112 25.08 6.98 -20.71
N SER B 113 26.19 7.69 -20.83
CA SER B 113 27.38 7.09 -21.45
C SER B 113 28.01 6.06 -20.53
N SER B 114 28.23 6.40 -19.26
CA SER B 114 28.93 5.50 -18.34
C SER B 114 28.01 4.70 -17.43
N ARG B 115 26.71 5.00 -17.41
CA ARG B 115 25.76 4.41 -16.48
C ARG B 115 26.09 4.72 -15.01
N LYS B 116 26.80 5.83 -14.76
CA LYS B 116 27.18 6.23 -13.41
C LYS B 116 26.01 6.87 -12.67
N LEU B 117 25.74 6.39 -11.46
CA LEU B 117 24.62 6.90 -10.66
C LEU B 117 25.00 8.23 -10.04
N VAL B 118 24.18 9.26 -10.30
CA VAL B 118 24.47 10.62 -9.86
C VAL B 118 23.29 11.27 -9.17
N GLY B 119 22.13 10.61 -9.13
CA GLY B 119 20.96 11.19 -8.49
C GLY B 119 19.98 10.14 -8.02
N PHE B 120 19.29 10.44 -6.94
CA PHE B 120 18.36 9.50 -6.33
C PHE B 120 17.31 10.27 -5.54
N ILE B 121 16.13 9.65 -5.45
CA ILE B 121 15.07 10.07 -4.54
C ILE B 121 14.20 8.83 -4.32
N SER B 122 13.51 8.77 -3.18
CA SER B 122 12.76 7.57 -2.83
C SER B 122 11.42 7.90 -2.19
N ALA B 123 10.46 6.99 -2.38
CA ALA B 123 9.19 7.02 -1.66
C ALA B 123 8.91 5.66 -1.04
N ILE B 124 8.37 5.65 0.18
CA ILE B 124 7.81 4.44 0.78
C ILE B 124 6.42 4.77 1.30
N PRO B 125 5.45 3.85 1.27
CA PRO B 125 4.09 4.18 1.69
C PRO B 125 3.97 4.25 3.21
N ALA B 126 3.03 5.07 3.67
CA ALA B 126 2.79 5.17 5.11
C ALA B 126 1.36 5.63 5.34
N ASN B 127 0.71 5.05 6.34
CA ASN B 127 -0.53 5.61 6.86
C ASN B 127 -0.17 6.68 7.89
N ILE B 128 -0.59 7.91 7.64
CA ILE B 128 -0.18 9.05 8.47
C ILE B 128 -1.41 9.56 9.21
N HIS B 129 -1.25 9.79 10.49
CA HIS B 129 -2.30 10.36 11.33
C HIS B 129 -1.92 11.80 11.60
N ILE B 130 -2.70 12.73 11.03
CA ILE B 130 -2.51 14.16 11.24
C ILE B 130 -3.82 14.71 11.80
N TYR B 131 -3.78 15.15 13.06
CA TYR B 131 -4.96 15.65 13.81
C TYR B 131 -6.07 14.61 13.69
N ASP B 132 -7.26 14.99 13.23
CA ASP B 132 -8.41 14.09 13.18
C ASP B 132 -8.54 13.32 11.89
N THR B 133 -7.51 13.37 11.03
CA THR B 133 -7.53 12.67 9.74
C THR B 133 -6.43 11.63 9.76
N GLU B 134 -6.72 10.46 9.19
CA GLU B 134 -5.69 9.48 8.87
C GLU B 134 -5.72 9.21 7.37
N LYS B 135 -4.58 9.40 6.72
CA LYS B 135 -4.48 9.35 5.27
C LYS B 135 -3.30 8.48 4.82
N LYS B 136 -3.52 7.73 3.75
CA LYS B 136 -2.43 7.04 3.07
C LYS B 136 -1.52 8.04 2.39
N MET B 137 -0.22 7.97 2.69
CA MET B 137 0.76 8.90 2.16
C MET B 137 2.01 8.15 1.73
N VAL B 138 3.00 8.90 1.27
CA VAL B 138 4.35 8.37 1.11
C VAL B 138 5.27 9.22 1.97
N GLU B 139 6.38 8.64 2.36
CA GLU B 139 7.47 9.36 2.99
C GLU B 139 8.59 9.52 1.98
N ILE B 140 9.18 10.70 1.93
CA ILE B 140 10.20 11.02 0.96
C ILE B 140 11.53 11.12 1.68
N ASN B 141 12.55 10.46 1.14
CA ASN B 141 13.87 10.43 1.75
C ASN B 141 14.93 10.22 0.69
N PHE B 142 16.18 10.45 1.10
CA PHE B 142 17.37 10.16 0.29
C PHE B 142 17.36 10.93 -1.02
N LEU B 143 16.85 12.15 -0.99
CA LEU B 143 17.06 13.04 -2.12
C LEU B 143 18.53 13.38 -2.17
N CYS B 144 19.18 13.05 -3.28
CA CYS B 144 20.62 13.23 -3.32
C CYS B 144 21.03 13.54 -4.75
N VAL B 145 21.79 14.61 -4.91
CA VAL B 145 22.34 15.00 -6.21
C VAL B 145 23.86 15.02 -6.07
N HIS B 146 24.54 14.35 -7.00
CA HIS B 146 26.00 14.32 -7.01
C HIS B 146 26.59 15.73 -6.88
N LYS B 147 27.72 15.82 -6.16
CA LYS B 147 28.32 17.13 -5.88
C LYS B 147 28.69 17.88 -7.16
N LYS B 148 29.19 17.16 -8.18
CA LYS B 148 29.51 17.79 -9.47
C LYS B 148 28.27 18.16 -10.28
N LEU B 149 27.06 18.02 -9.71
CA LEU B 149 25.81 18.36 -10.38
C LEU B 149 24.98 19.35 -9.57
N ARG B 150 25.52 19.88 -8.48
CA ARG B 150 24.74 20.71 -7.58
C ARG B 150 24.41 22.05 -8.23
N SER B 151 23.37 22.70 -7.68
CA SER B 151 22.95 24.04 -8.09
C SER B 151 22.57 24.13 -9.57
N LYS B 152 21.95 23.07 -10.10
CA LYS B 152 21.56 23.03 -11.50
C LYS B 152 20.09 22.63 -11.68
N ARG B 153 19.25 22.83 -10.65
CA ARG B 153 17.83 22.47 -10.67
C ARG B 153 17.59 20.97 -10.89
N VAL B 154 18.51 20.10 -10.48
CA VAL B 154 18.26 18.67 -10.62
C VAL B 154 17.28 18.18 -9.55
N ALA B 155 17.37 18.72 -8.34
CA ALA B 155 16.44 18.28 -7.31
C ALA B 155 14.99 18.54 -7.69
N PRO B 156 14.60 19.70 -8.24
CA PRO B 156 13.19 19.89 -8.61
C PRO B 156 12.66 18.89 -9.61
N VAL B 157 13.51 18.33 -10.48
CA VAL B 157 13.04 17.29 -11.41
C VAL B 157 12.87 15.97 -10.66
N LEU B 158 13.82 15.64 -9.78
CA LEU B 158 13.67 14.46 -8.93
C LEU B 158 12.41 14.57 -8.09
N ILE B 159 12.15 15.75 -7.54
CA ILE B 159 10.95 15.91 -6.73
C ILE B 159 9.69 15.76 -7.59
N ARG B 160 9.67 16.41 -8.76
CA ARG B 160 8.49 16.32 -9.62
C ARG B 160 8.25 14.90 -10.09
N GLU B 161 9.34 14.19 -10.41
CA GLU B 161 9.21 12.86 -10.99
C GLU B 161 8.77 11.85 -9.94
N ILE B 162 9.26 11.95 -8.70
CA ILE B 162 8.75 11.02 -7.69
C ILE B 162 7.30 11.33 -7.40
N THR B 163 6.93 12.62 -7.40
CA THR B 163 5.53 13.00 -7.21
C THR B 163 4.65 12.37 -8.28
N ARG B 164 5.10 12.42 -9.53
CA ARG B 164 4.34 11.80 -10.62
C ARG B 164 4.17 10.31 -10.39
N ARG B 165 5.26 9.62 -10.00
CA ARG B 165 5.18 8.18 -9.79
C ARG B 165 4.32 7.82 -8.59
N VAL B 166 4.30 8.64 -7.55
CA VAL B 166 3.39 8.36 -6.45
C VAL B 166 1.94 8.61 -6.88
N HIS B 167 1.71 9.70 -7.64
CA HIS B 167 0.36 10.02 -8.12
C HIS B 167 -0.23 8.90 -8.95
N LEU B 168 0.61 8.20 -9.73
CA LEU B 168 0.15 7.06 -10.53
C LEU B 168 -0.45 5.95 -9.67
N GLU B 169 -0.02 5.84 -8.39
CA GLU B 169 -0.54 4.83 -7.48
C GLU B 169 -1.70 5.32 -6.65
N GLY B 170 -2.18 6.55 -6.91
CA GLY B 170 -3.36 7.06 -6.25
C GLY B 170 -3.11 7.74 -4.93
N ILE B 171 -1.90 8.21 -4.67
CA ILE B 171 -1.56 8.83 -3.40
C ILE B 171 -1.22 10.28 -3.69
N PHE B 172 -1.75 11.19 -2.85
CA PHE B 172 -1.65 12.62 -3.14
C PHE B 172 -1.16 13.47 -1.96
N GLN B 173 -0.70 12.83 -0.88
CA GLN B 173 -0.09 13.53 0.24
C GLN B 173 1.22 12.85 0.60
N ALA B 174 2.16 13.65 1.11
CA ALA B 174 3.43 13.10 1.54
C ALA B 174 3.90 13.82 2.80
N VAL B 175 4.83 13.18 3.51
CA VAL B 175 5.50 13.75 4.67
C VAL B 175 7.01 13.54 4.50
N TYR B 176 7.79 14.49 4.98
CA TYR B 176 9.24 14.44 4.82
C TYR B 176 9.87 15.42 5.80
N THR B 177 11.18 15.29 5.98
CA THR B 177 11.90 16.22 6.85
C THR B 177 13.12 16.78 6.13
N ALA B 178 13.58 17.93 6.62
CA ALA B 178 14.76 18.58 6.06
C ALA B 178 15.37 19.54 7.09
N GLY B 179 16.69 19.70 7.01
CA GLY B 179 17.37 20.69 7.84
C GLY B 179 17.24 22.12 7.36
N VAL B 180 16.68 22.32 6.18
CA VAL B 180 16.50 23.65 5.64
C VAL B 180 15.04 24.05 5.81
N VAL B 181 14.81 25.36 5.90
CA VAL B 181 13.46 25.89 6.01
C VAL B 181 12.89 26.06 4.60
N LEU B 182 11.73 25.45 4.36
CA LEU B 182 10.95 25.52 3.13
C LEU B 182 9.50 25.86 3.47
N PRO B 183 8.70 26.26 2.47
CA PRO B 183 7.25 26.32 2.73
C PRO B 183 6.61 24.93 2.84
N LYS B 184 5.94 24.63 3.96
CA LYS B 184 5.92 25.44 5.17
C LYS B 184 5.92 24.43 6.34
N PRO B 185 6.81 24.61 7.33
CA PRO B 185 6.97 23.58 8.38
C PRO B 185 5.68 23.35 9.15
N VAL B 186 5.33 22.08 9.32
CA VAL B 186 4.27 21.72 10.26
C VAL B 186 4.83 21.61 11.66
N GLY B 187 6.15 21.51 11.81
CA GLY B 187 6.78 21.42 13.11
C GLY B 187 8.28 21.60 13.00
N THR B 188 8.88 21.98 14.13
CA THR B 188 10.33 22.16 14.18
C THR B 188 10.90 21.44 15.40
N CYS B 189 11.94 20.64 15.16
CA CYS B 189 12.57 19.85 16.21
C CYS B 189 14.06 20.20 16.33
N ARG B 190 14.56 20.14 17.55
CA ARG B 190 15.95 20.42 17.85
C ARG B 190 16.65 19.11 18.13
N TYR B 191 17.88 19.00 17.64
CA TYR B 191 18.65 17.78 17.83
C TYR B 191 19.49 17.89 19.09
N TRP B 192 19.45 16.83 19.91
CA TRP B 192 20.23 16.74 21.14
C TRP B 192 21.16 15.53 21.07
N HIS B 193 22.34 15.68 21.67
CA HIS B 193 23.35 14.64 21.67
C HIS B 193 23.76 14.31 23.10
N ARG B 194 24.16 13.06 23.32
CA ARG B 194 24.64 12.58 24.62
C ARG B 194 25.99 11.89 24.39
N SER B 195 27.04 12.37 25.07
CA SER B 195 28.38 11.82 24.85
C SER B 195 28.50 10.43 25.46
N LEU B 196 28.80 9.42 24.64
CA LEU B 196 29.11 8.10 25.17
C LEU B 196 30.62 7.86 25.25
N ASN B 197 31.35 8.22 24.20
CA ASN B 197 32.80 8.14 24.16
C ASN B 197 33.31 9.56 24.04
N PRO B 198 33.46 10.28 25.16
CA PRO B 198 33.81 11.71 25.06
C PRO B 198 35.18 11.97 24.47
N ARG B 199 36.12 11.03 24.64
CA ARG B 199 37.46 11.26 24.10
C ARG B 199 37.42 11.36 22.58
N LYS B 200 36.79 10.39 21.91
CA LYS B 200 36.73 10.43 20.45
C LYS B 200 36.00 11.67 19.95
N LEU B 201 34.96 12.11 20.67
CA LEU B 201 34.19 13.27 20.23
C LEU B 201 35.04 14.54 20.26
N ILE B 202 35.90 14.71 21.26
CA ILE B 202 36.69 15.93 21.36
C ILE B 202 37.79 15.93 20.29
N GLU B 203 38.41 14.78 20.03
CA GLU B 203 39.46 14.72 19.03
C GLU B 203 38.96 14.93 17.61
N VAL B 204 37.65 14.75 17.36
CA VAL B 204 37.09 15.01 16.05
C VAL B 204 36.35 16.35 16.00
N LYS B 205 36.54 17.20 17.00
CA LYS B 205 35.91 18.53 17.04
C LYS B 205 34.39 18.44 16.91
N PHE B 206 33.79 17.54 17.68
CA PHE B 206 32.35 17.39 17.71
C PHE B 206 31.79 18.22 18.85
N THR B 214 38.85 19.81 32.71
CA THR B 214 39.89 18.90 32.23
C THR B 214 39.29 17.67 31.52
N MET B 215 40.17 16.93 30.83
CA MET B 215 39.73 15.74 30.10
C MET B 215 39.20 14.66 31.04
N GLN B 216 39.96 14.36 32.11
CA GLN B 216 39.57 13.31 33.05
C GLN B 216 38.27 13.65 33.80
N ARG B 217 38.04 14.92 34.12
CA ARG B 217 36.78 15.28 34.78
C ARG B 217 35.58 15.10 33.86
N THR B 218 35.74 15.41 32.56
CA THR B 218 34.65 15.25 31.61
C THR B 218 34.37 13.78 31.31
N MET B 219 35.41 12.96 31.17
CA MET B 219 35.21 11.54 30.92
C MET B 219 34.48 10.87 32.09
N LYS B 220 34.77 11.31 33.32
CA LYS B 220 34.09 10.77 34.49
C LYS B 220 32.65 11.26 34.56
N LEU B 221 32.43 12.50 34.14
CA LEU B 221 31.09 13.07 34.17
C LEU B 221 30.14 12.27 33.30
N TYR B 222 30.61 11.82 32.13
CA TYR B 222 29.75 11.11 31.20
C TYR B 222 29.81 9.60 31.37
N ARG B 223 30.34 9.13 32.49
CA ARG B 223 30.38 7.70 32.78
C ARG B 223 28.97 7.17 33.05
N LEU B 224 28.65 6.04 32.43
CA LEU B 224 27.36 5.40 32.61
C LEU B 224 27.51 4.03 33.27
N PRO B 225 26.48 3.54 33.95
CA PRO B 225 26.51 2.17 34.50
C PRO B 225 26.88 1.14 33.44
N GLU B 226 27.57 0.08 33.86
CA GLU B 226 27.87 -1.04 32.96
C GLU B 226 26.63 -1.87 32.67
N THR B 227 25.63 -1.83 33.52
CA THR B 227 24.48 -2.69 33.41
C THR B 227 23.21 -1.86 33.46
N PRO B 228 22.18 -2.27 32.72
CA PRO B 228 20.90 -1.57 32.79
C PRO B 228 20.22 -1.80 34.14
N LYS B 229 19.33 -0.88 34.45
CA LYS B 229 18.68 -0.80 35.75
C LYS B 229 17.26 -1.38 35.78
N THR B 230 16.54 -1.39 34.65
CA THR B 230 15.12 -1.74 34.63
C THR B 230 14.90 -3.25 34.72
N ALA B 231 13.95 -3.63 35.56
CA ALA B 231 13.69 -5.03 35.82
C ALA B 231 12.97 -5.65 34.62
N GLY B 232 13.48 -6.79 34.15
CA GLY B 232 12.82 -7.49 33.08
C GLY B 232 13.16 -6.99 31.70
N LEU B 233 14.13 -6.10 31.58
CA LEU B 233 14.56 -5.61 30.27
C LEU B 233 15.28 -6.73 29.53
N ARG B 234 14.95 -6.90 28.25
CA ARG B 234 15.53 -7.95 27.43
C ARG B 234 15.29 -7.60 25.98
N PRO B 235 16.03 -8.20 25.05
CA PRO B 235 15.80 -7.93 23.62
C PRO B 235 14.41 -8.36 23.18
N MET B 236 13.84 -7.57 22.26
CA MET B 236 12.57 -7.94 21.65
C MET B 236 12.70 -9.26 20.90
N GLU B 237 11.67 -10.09 21.00
CA GLU B 237 11.60 -11.37 20.29
C GLU B 237 10.37 -11.40 19.39
N THR B 238 10.33 -12.44 18.54
CA THR B 238 9.18 -12.62 17.64
C THR B 238 7.86 -12.65 18.38
N LYS B 239 7.84 -13.30 19.54
CA LYS B 239 6.60 -13.41 20.31
C LYS B 239 6.10 -12.06 20.80
N ASP B 240 6.94 -11.03 20.80
CA ASP B 240 6.53 -9.73 21.31
C ASP B 240 5.90 -8.84 20.23
N ILE B 241 5.88 -9.27 18.97
CA ILE B 241 5.38 -8.39 17.90
C ILE B 241 3.98 -7.85 18.17
N PRO B 242 2.98 -8.67 18.52
CA PRO B 242 1.64 -8.08 18.77
C PRO B 242 1.60 -7.12 19.93
N VAL B 243 2.19 -7.47 21.08
CA VAL B 243 2.09 -6.58 22.24
C VAL B 243 2.85 -5.27 22.01
N VAL B 244 4.00 -5.32 21.30
CA VAL B 244 4.68 -4.09 20.89
C VAL B 244 3.81 -3.27 19.94
N HIS B 245 3.17 -3.94 18.99
CA HIS B 245 2.21 -3.26 18.12
C HIS B 245 1.11 -2.61 18.94
N GLN B 246 0.60 -3.32 19.95
CA GLN B 246 -0.50 -2.75 20.73
C GLN B 246 -0.04 -1.57 21.58
N LEU B 247 1.15 -1.66 22.17
CA LEU B 247 1.67 -0.59 23.01
C LEU B 247 1.95 0.67 22.19
N LEU B 248 2.53 0.51 20.99
CA LEU B 248 2.87 1.66 20.17
C LEU B 248 1.61 2.38 19.69
N THR B 249 0.59 1.62 19.27
CA THR B 249 -0.63 2.21 18.76
C THR B 249 -1.30 3.07 19.82
N ARG B 250 -1.27 2.61 21.09
CA ARG B 250 -1.92 3.37 22.15
C ARG B 250 -1.04 4.47 22.70
N TYR B 251 0.28 4.30 22.69
CA TYR B 251 1.13 5.39 23.14
C TYR B 251 1.05 6.59 22.18
N LEU B 252 0.80 6.35 20.90
CA LEU B 252 0.92 7.40 19.90
C LEU B 252 -0.34 8.25 19.75
N LYS B 253 -1.50 7.79 20.26
CA LYS B 253 -2.74 8.56 20.08
C LYS B 253 -2.69 9.93 20.76
N GLN B 254 -1.80 10.13 21.74
CA GLN B 254 -1.70 11.44 22.37
C GLN B 254 -1.00 12.50 21.50
N PHE B 255 -0.45 12.14 20.34
CA PHE B 255 0.25 13.11 19.51
C PHE B 255 -0.61 13.50 18.30
N HIS B 256 -0.18 14.54 17.60
CA HIS B 256 -0.98 15.05 16.49
C HIS B 256 -0.49 14.59 15.12
N LEU B 257 0.79 14.19 15.01
CA LEU B 257 1.34 13.65 13.77
C LEU B 257 2.01 12.32 14.11
N THR B 258 1.41 11.21 13.68
CA THR B 258 1.93 9.89 13.99
C THR B 258 1.81 8.95 12.80
N PRO B 259 2.57 7.86 12.78
CA PRO B 259 2.29 6.77 11.85
C PRO B 259 1.26 5.82 12.43
N VAL B 260 0.54 5.14 11.53
CA VAL B 260 -0.40 4.09 11.89
C VAL B 260 0.12 2.79 11.26
N MET B 261 0.83 2.00 12.06
CA MET B 261 1.51 0.82 11.57
C MET B 261 0.60 -0.40 11.66
N SER B 262 0.59 -1.18 10.57
CA SER B 262 0.05 -2.53 10.64
C SER B 262 0.97 -3.39 11.51
N GLN B 263 0.49 -4.60 11.86
CA GLN B 263 1.38 -5.46 12.65
C GLN B 263 2.61 -5.87 11.84
N GLU B 264 2.45 -6.05 10.53
CA GLU B 264 3.58 -6.36 9.66
C GLU B 264 4.59 -5.21 9.64
N GLU B 265 4.12 -3.97 9.60
CA GLU B 265 5.05 -2.84 9.68
C GLU B 265 5.74 -2.79 11.04
N VAL B 266 5.01 -3.06 12.13
CA VAL B 266 5.65 -3.08 13.45
C VAL B 266 6.79 -4.09 13.46
N GLU B 267 6.55 -5.28 12.92
CA GLU B 267 7.62 -6.26 12.79
C GLU B 267 8.80 -5.70 12.00
N HIS B 268 8.54 -5.04 10.86
CA HIS B 268 9.64 -4.56 10.03
C HIS B 268 10.45 -3.50 10.75
N TRP B 269 9.77 -2.54 11.38
CA TRP B 269 10.48 -1.41 11.95
C TRP B 269 11.12 -1.68 13.31
N PHE B 270 10.70 -2.72 14.06
CA PHE B 270 11.18 -2.89 15.41
C PHE B 270 11.90 -4.21 15.70
N TYR B 271 11.69 -5.26 14.91
CA TYR B 271 12.37 -6.53 15.17
C TYR B 271 13.88 -6.37 15.03
N PRO B 272 14.67 -6.74 16.04
CA PRO B 272 16.09 -6.39 16.05
C PRO B 272 16.86 -6.99 14.88
N GLN B 273 17.72 -6.17 14.29
CA GLN B 273 18.68 -6.56 13.26
C GLN B 273 19.99 -5.89 13.61
N GLU B 274 21.06 -6.68 13.71
CA GLU B 274 22.35 -6.16 14.14
C GLU B 274 22.82 -5.02 13.25
N ASN B 275 23.30 -3.96 13.88
CA ASN B 275 23.89 -2.79 13.22
C ASN B 275 22.87 -1.98 12.42
N ILE B 276 21.57 -2.19 12.66
CA ILE B 276 20.50 -1.45 12.01
C ILE B 276 19.54 -0.92 13.06
N ILE B 277 18.82 -1.82 13.74
CA ILE B 277 17.75 -1.43 14.67
C ILE B 277 17.80 -2.33 15.90
N ASP B 278 17.70 -1.73 17.09
CA ASP B 278 17.69 -2.44 18.37
C ASP B 278 16.43 -2.11 19.15
N THR B 279 15.74 -3.14 19.65
CA THR B 279 14.53 -2.96 20.45
C THR B 279 14.63 -3.82 21.70
N PHE B 280 14.38 -3.21 22.84
CA PHE B 280 14.36 -3.92 24.12
C PHE B 280 13.00 -3.71 24.78
N VAL B 281 12.39 -4.81 25.24
CA VAL B 281 11.12 -4.76 25.92
C VAL B 281 11.33 -4.96 27.42
N VAL B 282 10.38 -4.48 28.19
CA VAL B 282 10.29 -4.69 29.63
C VAL B 282 9.18 -5.70 29.86
N GLU B 283 9.55 -6.91 30.31
CA GLU B 283 8.62 -7.95 30.72
C GLU B 283 8.63 -8.08 32.24
N ASN B 284 7.48 -7.81 32.86
CA ASN B 284 7.41 -7.66 34.31
C ASN B 284 7.31 -9.04 35.00
N ALA B 285 7.08 -9.02 36.32
CA ALA B 285 7.00 -10.22 37.14
C ALA B 285 5.82 -11.11 36.75
N ASN B 286 4.77 -10.52 36.14
CA ASN B 286 3.65 -11.31 35.64
C ASN B 286 3.91 -11.85 34.24
N GLY B 287 5.02 -11.48 33.60
CA GLY B 287 5.22 -11.88 32.23
C GLY B 287 4.56 -10.98 31.20
N GLU B 288 4.08 -9.82 31.62
CA GLU B 288 3.50 -8.83 30.71
C GLU B 288 4.58 -7.88 30.24
N VAL B 289 4.62 -7.67 28.92
CA VAL B 289 5.48 -6.63 28.36
C VAL B 289 4.81 -5.28 28.49
N THR B 290 5.41 -4.39 29.27
CA THR B 290 4.77 -3.13 29.62
C THR B 290 5.45 -1.90 29.04
N ASP B 291 6.67 -2.03 28.54
CA ASP B 291 7.42 -0.92 27.98
C ASP B 291 8.35 -1.47 26.91
N PHE B 292 8.81 -0.58 26.02
CA PHE B 292 9.93 -0.92 25.15
C PHE B 292 10.69 0.36 24.78
N LEU B 293 11.93 0.15 24.36
CA LEU B 293 12.79 1.21 23.85
C LEU B 293 13.41 0.74 22.55
N SER B 294 13.74 1.68 21.68
CA SER B 294 14.28 1.33 20.37
C SER B 294 15.21 2.43 19.91
N PHE B 295 16.30 2.04 19.24
CA PHE B 295 17.18 3.02 18.61
C PHE B 295 17.82 2.40 17.36
N TYR B 296 18.04 3.23 16.33
CA TYR B 296 18.67 2.72 15.10
C TYR B 296 20.12 3.18 14.96
N THR B 297 20.83 2.51 14.06
CA THR B 297 22.27 2.64 13.85
C THR B 297 22.57 3.41 12.57
N LEU B 298 23.20 4.57 12.70
CA LEU B 298 23.64 5.38 11.57
C LEU B 298 24.97 6.07 11.85
N PRO B 299 26.09 5.50 11.39
CA PRO B 299 27.37 6.16 11.56
C PRO B 299 27.55 7.32 10.57
N SER B 300 28.46 8.22 10.94
CA SER B 300 28.85 9.34 10.09
C SER B 300 30.31 9.24 9.69
N THR B 301 30.55 9.50 8.40
CA THR B 301 31.91 9.63 7.91
C THR B 301 32.52 10.89 8.51
N ILE B 302 33.72 10.77 9.05
CA ILE B 302 34.50 11.94 9.41
C ILE B 302 35.43 12.24 8.24
N MET B 303 35.48 13.52 7.83
CA MET B 303 36.24 13.93 6.66
C MET B 303 37.58 14.56 7.08
N ASN B 304 38.63 14.21 6.32
CA ASN B 304 39.97 14.82 6.49
C ASN B 304 40.47 14.69 7.92
N HIS B 305 40.31 13.51 8.51
CA HIS B 305 40.95 13.24 9.78
C HIS B 305 41.90 12.06 9.63
N PRO B 306 43.18 12.22 9.96
CA PRO B 306 44.16 11.16 9.68
C PRO B 306 43.90 9.89 10.47
N THR B 307 43.40 10.01 11.70
CA THR B 307 43.30 8.86 12.60
C THR B 307 41.87 8.42 12.90
N HIS B 308 40.88 9.28 12.71
CA HIS B 308 39.49 8.94 12.96
C HIS B 308 38.71 8.99 11.66
N LYS B 309 37.96 7.94 11.39
CA LYS B 309 37.27 7.84 10.13
C LYS B 309 35.75 7.71 10.26
N SER B 310 35.24 7.18 11.36
CA SER B 310 33.81 6.94 11.48
C SER B 310 33.31 7.29 12.86
N LEU B 311 32.20 8.02 12.90
CA LEU B 311 31.54 8.40 14.15
C LEU B 311 30.30 7.51 14.27
N LYS B 312 30.29 6.63 15.28
CA LYS B 312 29.25 5.61 15.40
C LYS B 312 28.11 6.15 16.26
N ALA B 313 27.02 6.56 15.62
CA ALA B 313 25.91 7.20 16.28
C ALA B 313 24.70 6.27 16.37
N ALA B 314 24.00 6.33 17.50
CA ALA B 314 22.72 5.68 17.72
C ALA B 314 21.64 6.75 17.79
N TYR B 315 20.47 6.47 17.20
CA TYR B 315 19.38 7.46 17.12
C TYR B 315 18.14 6.91 17.82
N SER B 316 17.64 7.68 18.79
CA SER B 316 16.41 7.35 19.49
C SER B 316 15.26 7.17 18.52
N PHE B 317 14.58 6.02 18.61
CA PHE B 317 13.50 5.70 17.67
C PHE B 317 12.16 5.96 18.34
N TYR B 318 11.43 4.91 18.70
CA TYR B 318 10.21 5.03 19.49
C TYR B 318 10.43 4.38 20.85
N ASN B 319 10.04 5.10 21.90
CA ASN B 319 10.19 4.66 23.29
C ASN B 319 8.85 4.80 23.96
N VAL B 320 8.30 3.67 24.41
CA VAL B 320 6.92 3.61 24.91
C VAL B 320 6.95 3.15 26.36
N HIS B 321 6.31 3.92 27.22
CA HIS B 321 6.24 3.61 28.64
C HIS B 321 4.79 3.56 29.07
N THR B 322 4.45 2.53 29.85
CA THR B 322 3.20 2.51 30.61
C THR B 322 3.39 2.21 32.09
N GLN B 323 4.51 1.58 32.50
CA GLN B 323 4.78 1.32 33.91
C GLN B 323 6.18 1.74 34.32
N THR B 324 7.19 1.46 33.50
CA THR B 324 8.54 1.99 33.76
C THR B 324 8.56 3.49 33.46
N PRO B 325 9.15 4.31 34.34
CA PRO B 325 9.36 5.72 34.00
C PRO B 325 10.25 5.88 32.78
N LEU B 326 9.88 6.84 31.93
CA LEU B 326 10.62 7.10 30.69
C LEU B 326 12.06 7.47 30.98
N LEU B 327 12.30 8.18 32.09
CA LEU B 327 13.66 8.56 32.42
C LEU B 327 14.51 7.32 32.73
N ASP B 328 13.90 6.27 33.29
CA ASP B 328 14.60 5.01 33.48
C ASP B 328 14.78 4.29 32.16
N LEU B 329 13.74 4.30 31.32
CA LEU B 329 13.83 3.66 30.01
C LEU B 329 15.02 4.21 29.23
N MET B 330 15.11 5.54 29.14
CA MET B 330 16.17 6.16 28.34
C MET B 330 17.54 5.99 28.99
N SER B 331 17.59 5.98 30.33
CA SER B 331 18.84 5.73 31.02
C SER B 331 19.43 4.38 30.59
N ASP B 332 18.58 3.37 30.47
CA ASP B 332 19.03 2.07 29.97
C ASP B 332 19.42 2.13 28.49
N ALA B 333 18.74 2.96 27.70
CA ALA B 333 19.13 3.13 26.29
C ALA B 333 20.55 3.70 26.18
N LEU B 334 20.89 4.67 27.03
CA LEU B 334 22.26 5.16 27.10
C LEU B 334 23.22 4.03 27.45
N VAL B 335 22.90 3.26 28.49
CA VAL B 335 23.76 2.15 28.88
C VAL B 335 23.94 1.15 27.73
N LEU B 336 22.83 0.73 27.09
CA LEU B 336 22.94 -0.30 26.05
C LEU B 336 23.70 0.21 24.82
N ALA B 337 23.52 1.48 24.47
CA ALA B 337 24.29 2.06 23.36
C ALA B 337 25.77 2.15 23.69
N LYS B 338 26.11 2.54 24.93
CA LYS B 338 27.50 2.52 25.35
C LYS B 338 28.08 1.10 25.28
N MET B 339 27.34 0.12 25.82
CA MET B 339 27.79 -1.27 25.77
C MET B 339 28.11 -1.74 24.36
N LYS B 340 27.28 -1.36 23.38
CA LYS B 340 27.45 -1.84 22.01
C LYS B 340 28.51 -1.06 21.22
N GLY B 341 29.17 -0.08 21.83
CA GLY B 341 30.29 0.57 21.20
C GLY B 341 29.98 1.87 20.49
N PHE B 342 28.88 2.53 20.81
CA PHE B 342 28.53 3.79 20.19
C PHE B 342 29.29 4.95 20.82
N ASP B 343 29.66 5.92 20.00
CA ASP B 343 30.35 7.10 20.52
C ASP B 343 29.38 8.17 21.00
N VAL B 344 28.15 8.20 20.48
CA VAL B 344 27.20 9.27 20.77
C VAL B 344 25.77 8.75 20.58
N PHE B 345 24.86 9.25 21.40
CA PHE B 345 23.45 8.89 21.36
C PHE B 345 22.62 10.14 21.02
N ASN B 346 21.94 10.13 19.88
CA ASN B 346 21.19 11.29 19.41
C ASN B 346 19.69 11.08 19.64
N ALA B 347 19.00 12.16 20.04
CA ALA B 347 17.56 12.20 20.21
C ALA B 347 17.05 13.59 19.86
N LEU B 348 15.84 13.64 19.32
CA LEU B 348 15.15 14.89 19.07
C LEU B 348 14.38 15.34 20.31
N ASP B 349 13.85 16.57 20.25
CA ASP B 349 13.00 17.11 21.31
C ASP B 349 11.51 16.86 21.04
N LEU B 350 11.16 15.91 20.17
CA LEU B 350 9.77 15.61 19.93
C LEU B 350 9.22 14.67 21.00
N MET B 351 7.93 14.37 20.89
CA MET B 351 7.19 13.49 21.80
C MET B 351 7.41 13.97 23.23
N GLU B 352 7.73 13.09 24.19
CA GLU B 352 7.92 13.50 25.58
C GLU B 352 9.39 13.73 25.91
N ASN B 353 10.26 13.82 24.91
CA ASN B 353 11.70 13.76 25.13
C ASN B 353 12.23 14.92 25.95
N LYS B 354 11.54 16.07 25.97
CA LYS B 354 12.02 17.17 26.77
C LYS B 354 12.04 16.81 28.26
N THR B 355 11.15 15.92 28.70
CA THR B 355 11.11 15.59 30.12
C THR B 355 12.39 14.89 30.59
N PHE B 356 13.23 14.38 29.68
CA PHE B 356 14.42 13.64 30.08
C PHE B 356 15.72 14.13 29.46
N LEU B 357 15.69 15.10 28.53
CA LEU B 357 16.89 15.46 27.78
C LEU B 357 17.97 16.04 28.68
N GLU B 358 17.66 17.12 29.41
CA GLU B 358 18.70 17.70 30.26
C GLU B 358 19.04 16.80 31.44
N LYS B 359 18.02 16.14 32.03
CA LYS B 359 18.27 15.30 33.19
C LYS B 359 19.26 14.17 32.90
N LEU B 360 19.33 13.71 31.66
CA LEU B 360 20.30 12.70 31.30
C LEU B 360 21.55 13.28 30.65
N LYS B 361 21.77 14.60 30.81
CA LYS B 361 22.99 15.27 30.36
C LYS B 361 23.11 15.24 28.84
N PHE B 362 21.98 15.33 28.15
CA PHE B 362 22.00 15.60 26.72
C PHE B 362 22.42 17.05 26.51
N GLY B 363 23.11 17.30 25.40
CA GLY B 363 23.48 18.64 24.99
C GLY B 363 22.79 19.05 23.70
N ILE B 364 22.27 20.29 23.69
CA ILE B 364 21.56 20.80 22.52
C ILE B 364 22.52 21.02 21.36
N GLY B 365 22.06 20.71 20.14
CA GLY B 365 22.88 20.77 18.96
C GLY B 365 22.60 21.97 18.08
N ASP B 366 23.29 22.00 16.95
CA ASP B 366 23.15 23.06 15.95
C ASP B 366 22.12 22.67 14.90
N GLY B 367 21.34 23.65 14.48
CA GLY B 367 20.36 23.41 13.44
C GLY B 367 19.02 22.97 13.96
N ASN B 368 18.10 22.80 13.03
CA ASN B 368 16.73 22.39 13.32
C ASN B 368 16.32 21.31 12.34
N LEU B 369 15.37 20.49 12.75
CA LEU B 369 14.81 19.45 11.90
C LEU B 369 13.36 19.84 11.63
N GLN B 370 13.08 20.17 10.36
CA GLN B 370 11.77 20.65 9.96
C GLN B 370 10.93 19.50 9.46
N TYR B 371 9.68 19.46 9.90
CA TYR B 371 8.67 18.51 9.43
C TYR B 371 7.75 19.22 8.45
N TYR B 372 7.44 18.54 7.35
CA TYR B 372 6.64 19.10 6.27
C TYR B 372 5.56 18.11 5.83
N LEU B 373 4.40 18.65 5.45
CA LEU B 373 3.39 17.90 4.72
C LEU B 373 3.24 18.45 3.30
N TYR B 374 3.01 17.55 2.35
CA TYR B 374 2.82 17.93 0.97
C TYR B 374 1.36 17.78 0.64
N ASN B 375 0.78 18.85 0.07
CA ASN B 375 -0.65 18.89 -0.29
C ASN B 375 -1.56 18.61 0.90
N TRP B 376 -1.21 19.16 2.07
CA TRP B 376 -2.11 19.06 3.21
C TRP B 376 -1.94 20.29 4.10
N LYS B 377 -3.03 21.05 4.23
CA LYS B 377 -3.06 22.27 5.02
C LYS B 377 -3.55 21.91 6.42
N CYS B 378 -2.82 22.38 7.43
CA CYS B 378 -3.23 22.17 8.81
C CYS B 378 -2.39 23.09 9.71
N PRO B 379 -2.88 23.38 10.91
CA PRO B 379 -2.08 24.19 11.85
C PRO B 379 -0.80 23.48 12.26
N SER B 380 0.27 24.26 12.40
CA SER B 380 1.54 23.73 12.86
C SER B 380 1.44 23.35 14.34
N MET B 381 2.50 22.73 14.85
CA MET B 381 2.44 22.16 16.19
C MET B 381 3.80 22.24 16.85
N GLY B 382 3.79 22.21 18.19
CA GLY B 382 5.03 22.19 18.93
C GLY B 382 5.70 20.84 18.83
N ALA B 383 7.03 20.84 19.01
CA ALA B 383 7.82 19.62 18.87
C ALA B 383 7.20 18.46 19.64
N GLU B 384 6.67 18.73 20.85
CA GLU B 384 6.18 17.64 21.69
C GLU B 384 4.88 17.05 21.18
N LYS B 385 4.26 17.63 20.16
CA LYS B 385 3.12 16.98 19.53
C LYS B 385 3.53 16.21 18.27
N VAL B 386 4.77 16.33 17.83
CA VAL B 386 5.29 15.51 16.74
C VAL B 386 5.58 14.12 17.29
N GLY B 387 4.96 13.10 16.71
CA GLY B 387 5.17 11.74 17.12
C GLY B 387 5.58 10.82 15.99
N LEU B 388 6.45 11.32 15.11
CA LEU B 388 6.86 10.63 13.88
C LEU B 388 8.36 10.76 13.70
N VAL B 389 9.06 9.64 13.68
CA VAL B 389 10.52 9.61 13.58
C VAL B 389 10.85 8.96 12.25
N LEU B 390 11.55 9.70 11.38
CA LEU B 390 11.94 9.20 10.08
C LEU B 390 13.46 9.07 10.03
N GLN B 391 13.95 7.88 9.68
CA GLN B 391 15.41 7.62 9.62
C GLN B 391 16.08 8.28 8.40
#